data_4CQA
#
_entry.id   4CQA
#
_cell.length_a   52.950
_cell.length_b   166.410
_cell.length_c   63.160
_cell.angle_alpha   90.00
_cell.angle_beta   107.91
_cell.angle_gamma   90.00
#
_symmetry.space_group_name_H-M   'P 1 21 1'
#
loop_
_entity.id
_entity.type
_entity.pdbx_description
1 polymer 'DIHYDROOROTATE DEHYDROGENASE'
2 non-polymer 'FLAVIN MONONUCLEOTIDE'
3 non-polymer 'OROTIC ACID'
4 non-polymer 2-(4-chlorobenzyl)-8-ethoxy-1,3-dimethylcyclohepta[c]pyrrol-4(2H)-one
5 water water
#
_entity_poly.entity_id   1
_entity_poly.type   'polypeptide(L)'
_entity_poly.pdbx_seq_one_letter_code
;MGHHHHHHAENLYFQGADPFESYNPEFFLYDIFLKFCLKYIDGEICHDLFLLLGKYNILPYDTSNDSIYACTNIKHLDFI
NPFGVAAGFDKNGVCIDSILKLGFSFIEIGTITPRGQTGNAKPRIFRDVESRSIINSCGFNNMGCDKVTENLILFRKRQE
EDKLLSKHIVGVSIGKNKDTVNIVDDLKYCINKIGRYADYIAINVSSPNTPGLRDNQEAGKLKNIILSVKEEIDNLEKNN
IMNDEFLWFNTTKKKPLVFVKLAPDLNQEQKKEIADVLLETNIDGMIISNTTTQINDIKSFENKKGGVSGAKLKDISTKF
ICEMYNYTNKQIPIIASGGIFSGLDALEKIEAGASVCQLYSCLVFNGMKSAVQIKRELNHLLYQRGYYNLKEAIGRKHSK
S
;
_entity_poly.pdbx_strand_id   A,B
#
loop_
_chem_comp.id
_chem_comp.type
_chem_comp.name
_chem_comp.formula
FMN non-polymer 'FLAVIN MONONUCLEOTIDE' 'C17 H21 N4 O9 P'
ID6 non-polymer 2-(4-chlorobenzyl)-8-ethoxy-1,3-dimethylcyclohepta[c]pyrrol-4(2H)-one 'C20 H20 Cl N O2'
ORO non-polymer 'OROTIC ACID' 'C5 H4 N2 O4'
#
# COMPACT_ATOMS: atom_id res chain seq x y z
N PHE A 27 29.93 4.21 -35.73
CA PHE A 27 29.00 3.34 -35.01
C PHE A 27 28.87 1.97 -35.71
N PHE A 28 30.03 1.31 -35.91
CA PHE A 28 30.19 -0.02 -36.54
C PHE A 28 31.45 -0.64 -35.93
N LEU A 29 32.44 0.21 -35.61
CA LEU A 29 33.74 -0.09 -35.03
C LEU A 29 33.56 -0.92 -33.77
N TYR A 30 32.51 -0.59 -33.02
CA TYR A 30 32.11 -1.26 -31.78
C TYR A 30 31.70 -2.71 -32.01
N ASP A 31 31.11 -3.02 -33.16
CA ASP A 31 30.70 -4.39 -33.47
C ASP A 31 31.87 -5.24 -33.95
N ILE A 32 32.97 -4.61 -34.39
CA ILE A 32 34.16 -5.35 -34.75
C ILE A 32 34.80 -5.67 -33.41
N PHE A 33 34.87 -4.65 -32.54
CA PHE A 33 35.40 -4.75 -31.19
C PHE A 33 34.71 -5.83 -30.38
N LEU A 34 33.35 -5.83 -30.39
CA LEU A 34 32.49 -6.78 -29.70
C LEU A 34 32.69 -8.24 -30.11
N LYS A 35 32.64 -8.51 -31.44
CA LYS A 35 32.81 -9.87 -31.97
C LYS A 35 34.18 -10.44 -31.65
N PHE A 36 35.18 -9.56 -31.63
CA PHE A 36 36.56 -9.87 -31.28
C PHE A 36 36.61 -10.16 -29.78
N CYS A 37 35.97 -9.30 -28.96
CA CYS A 37 35.90 -9.42 -27.51
C CYS A 37 35.30 -10.74 -27.13
N LEU A 38 34.17 -11.08 -27.76
CA LEU A 38 33.47 -12.33 -27.49
C LEU A 38 34.27 -13.54 -27.98
N LYS A 39 35.27 -13.32 -28.84
CA LYS A 39 36.10 -14.40 -29.33
C LYS A 39 37.32 -14.69 -28.42
N TYR A 40 38.26 -13.73 -28.29
CA TYR A 40 39.55 -13.92 -27.61
C TYR A 40 39.72 -13.31 -26.20
N ILE A 41 38.74 -12.53 -25.70
CA ILE A 41 38.88 -11.83 -24.42
C ILE A 41 37.99 -12.41 -23.31
N ASP A 42 38.53 -12.45 -22.06
CA ASP A 42 37.89 -12.91 -20.83
C ASP A 42 36.71 -12.01 -20.48
N GLY A 43 35.72 -12.58 -19.79
CA GLY A 43 34.51 -11.90 -19.34
C GLY A 43 34.75 -10.63 -18.53
N GLU A 44 35.47 -10.75 -17.40
CA GLU A 44 35.73 -9.60 -16.54
C GLU A 44 36.66 -8.57 -17.17
N ILE A 45 37.56 -8.98 -18.09
CA ILE A 45 38.44 -8.04 -18.80
C ILE A 45 37.57 -7.11 -19.67
N CYS A 46 36.52 -7.66 -20.30
CA CYS A 46 35.55 -6.94 -21.12
C CYS A 46 34.77 -5.97 -20.23
N HIS A 47 34.38 -6.44 -19.04
CA HIS A 47 33.65 -5.71 -18.01
C HIS A 47 34.47 -4.52 -17.52
N ASP A 48 35.76 -4.73 -17.25
CA ASP A 48 36.68 -3.69 -16.79
C ASP A 48 37.10 -2.78 -17.95
N LEU A 49 37.01 -3.28 -19.20
CA LEU A 49 37.33 -2.55 -20.45
C LEU A 49 36.18 -1.60 -20.80
N PHE A 50 34.91 -2.05 -20.62
CA PHE A 50 33.70 -1.27 -20.90
C PHE A 50 33.58 -0.13 -19.89
N LEU A 51 33.93 -0.41 -18.63
CA LEU A 51 33.88 0.59 -17.58
C LEU A 51 35.05 1.57 -17.73
N LEU A 52 36.10 1.16 -18.46
CA LEU A 52 37.25 2.01 -18.76
C LEU A 52 36.85 3.05 -19.80
N LEU A 53 36.20 2.60 -20.90
CA LEU A 53 35.75 3.47 -21.99
C LEU A 53 34.78 4.55 -21.51
N GLY A 54 33.86 4.17 -20.63
CA GLY A 54 32.89 5.10 -20.07
C GLY A 54 33.45 6.01 -18.99
N LYS A 55 34.59 5.61 -18.39
CA LYS A 55 35.26 6.38 -17.33
C LYS A 55 35.85 7.61 -17.96
N TYR A 56 36.45 7.45 -19.15
CA TYR A 56 37.07 8.52 -19.90
C TYR A 56 36.10 9.08 -20.95
N ASN A 57 34.80 8.76 -20.76
CA ASN A 57 33.64 9.16 -21.57
C ASN A 57 33.93 9.12 -23.07
N ILE A 58 34.34 7.94 -23.56
CA ILE A 58 34.61 7.73 -24.98
C ILE A 58 33.64 6.66 -25.54
N LEU A 59 32.49 6.46 -24.88
CA LEU A 59 31.44 5.55 -25.32
C LEU A 59 30.48 6.35 -26.23
N PRO A 60 29.77 5.70 -27.20
CA PRO A 60 28.83 6.47 -28.04
C PRO A 60 27.62 7.05 -27.30
N TYR A 61 26.96 8.04 -27.93
CA TYR A 61 25.79 8.74 -27.41
C TYR A 61 24.54 8.30 -28.17
N ASP A 62 23.36 8.65 -27.63
CA ASP A 62 22.03 8.49 -28.18
C ASP A 62 21.21 9.65 -27.65
N THR A 63 21.32 10.80 -28.33
CA THR A 63 20.62 12.04 -27.97
C THR A 63 19.28 12.13 -28.73
N SER A 64 18.98 11.08 -29.54
CA SER A 64 17.76 10.91 -30.34
C SER A 64 16.56 10.72 -29.42
N ASN A 65 15.55 11.60 -29.58
CA ASN A 65 14.31 11.63 -28.80
C ASN A 65 13.52 10.33 -28.85
N ASP A 66 13.06 9.88 -27.67
CA ASP A 66 12.32 8.63 -27.47
C ASP A 66 10.80 8.82 -27.65
N SER A 67 10.12 7.75 -28.10
CA SER A 67 8.68 7.72 -28.33
C SER A 67 7.90 7.99 -27.05
N ILE A 68 6.85 8.83 -27.13
CA ILE A 68 5.99 9.18 -26.00
C ILE A 68 4.99 8.05 -25.72
N TYR A 69 4.80 7.15 -26.68
CA TYR A 69 3.93 6.00 -26.56
C TYR A 69 4.66 4.85 -25.88
N ALA A 70 6.01 4.92 -25.83
CA ALA A 70 6.87 3.91 -25.19
C ALA A 70 7.17 4.28 -23.72
N CYS A 71 6.54 5.35 -23.22
CA CYS A 71 6.66 5.84 -21.84
C CYS A 71 6.07 4.84 -20.86
N THR A 72 6.63 4.81 -19.65
CA THR A 72 6.14 3.96 -18.57
C THR A 72 6.41 4.63 -17.21
N ASN A 73 5.82 4.08 -16.13
CA ASN A 73 5.97 4.58 -14.77
C ASN A 73 5.70 3.54 -13.66
N ILE A 74 6.29 3.78 -12.50
CA ILE A 74 6.05 3.03 -11.27
C ILE A 74 5.79 4.11 -10.23
N LYS A 75 4.51 4.48 -10.01
CA LYS A 75 4.10 5.54 -9.10
C LYS A 75 4.63 6.87 -9.63
N HIS A 76 5.26 7.69 -8.79
CA HIS A 76 5.84 8.96 -9.23
C HIS A 76 7.06 8.80 -10.17
N LEU A 77 7.68 7.59 -10.22
CA LEU A 77 8.86 7.25 -11.03
C LEU A 77 8.49 7.26 -12.51
N ASP A 78 8.84 8.33 -13.24
CA ASP A 78 8.51 8.50 -14.65
C ASP A 78 9.72 8.28 -15.57
N PHE A 79 9.74 7.11 -16.23
CA PHE A 79 10.77 6.64 -17.17
C PHE A 79 10.50 7.15 -18.58
N ILE A 80 11.51 7.74 -19.22
CA ILE A 80 11.47 8.28 -20.59
C ILE A 80 11.19 7.14 -21.64
N ASN A 81 11.72 5.95 -21.38
CA ASN A 81 11.54 4.75 -22.19
C ASN A 81 11.49 3.54 -21.23
N PRO A 82 11.06 2.33 -21.63
CA PRO A 82 10.95 1.24 -20.65
C PRO A 82 12.23 0.42 -20.45
N PHE A 83 13.39 0.92 -20.91
CA PHE A 83 14.63 0.17 -20.80
C PHE A 83 15.70 0.80 -19.93
N GLY A 84 16.17 0.02 -18.98
CA GLY A 84 17.22 0.38 -18.07
C GLY A 84 18.25 -0.72 -17.96
N VAL A 85 19.32 -0.45 -17.22
CA VAL A 85 20.42 -1.37 -17.01
C VAL A 85 20.27 -2.05 -15.65
N ALA A 86 20.36 -3.38 -15.63
CA ALA A 86 20.24 -4.18 -14.43
C ALA A 86 21.40 -3.92 -13.44
N ALA A 87 21.25 -4.35 -12.16
CA ALA A 87 22.29 -4.20 -11.14
C ALA A 87 23.43 -5.17 -11.46
N GLY A 88 24.66 -4.78 -11.13
CA GLY A 88 25.83 -5.62 -11.37
C GLY A 88 26.64 -5.21 -12.58
N PHE A 89 26.10 -4.32 -13.40
CA PHE A 89 26.79 -3.81 -14.59
C PHE A 89 27.77 -2.74 -14.12
N ASP A 90 27.23 -1.67 -13.52
CA ASP A 90 28.01 -0.60 -12.92
C ASP A 90 27.89 -0.69 -11.41
N LYS A 91 28.50 -1.76 -10.87
CA LYS A 91 28.54 -2.09 -9.44
C LYS A 91 28.89 -0.87 -8.56
N ASN A 92 29.81 -0.02 -9.04
CA ASN A 92 30.31 1.11 -8.28
C ASN A 92 29.83 2.48 -8.71
N GLY A 93 29.05 2.58 -9.78
CA GLY A 93 28.56 3.86 -10.27
C GLY A 93 29.64 4.83 -10.74
N VAL A 94 30.60 4.31 -11.54
CA VAL A 94 31.73 5.03 -12.13
C VAL A 94 31.45 5.45 -13.59
N CYS A 95 30.34 4.97 -14.15
CA CYS A 95 29.92 5.12 -15.55
C CYS A 95 28.45 5.54 -15.73
N ILE A 96 27.76 5.97 -14.66
CA ILE A 96 26.33 6.30 -14.67
C ILE A 96 25.91 7.13 -15.91
N ASP A 97 26.53 8.31 -16.14
CA ASP A 97 26.25 9.23 -17.26
C ASP A 97 26.49 8.57 -18.62
N SER A 98 27.63 7.87 -18.74
CA SER A 98 28.08 7.20 -19.96
C SER A 98 27.11 6.13 -20.41
N ILE A 99 26.76 5.20 -19.48
CA ILE A 99 25.82 4.10 -19.73
C ILE A 99 24.41 4.65 -20.05
N LEU A 100 23.93 5.67 -19.31
CA LEU A 100 22.61 6.27 -19.57
C LEU A 100 22.53 6.83 -21.00
N LYS A 101 23.54 7.62 -21.41
CA LYS A 101 23.67 8.26 -22.73
C LYS A 101 23.61 7.26 -23.92
N LEU A 102 23.74 5.95 -23.67
CA LEU A 102 23.60 4.91 -24.71
C LEU A 102 22.12 4.70 -25.10
N GLY A 103 21.20 5.34 -24.38
CA GLY A 103 19.76 5.28 -24.66
C GLY A 103 18.87 4.63 -23.63
N PHE A 104 19.37 4.48 -22.38
CA PHE A 104 18.60 3.88 -21.30
C PHE A 104 17.92 4.94 -20.44
N SER A 105 16.74 4.61 -19.90
CA SER A 105 15.96 5.53 -19.08
C SER A 105 16.41 5.54 -17.62
N PHE A 106 17.01 4.41 -17.16
CA PHE A 106 17.51 4.24 -15.80
C PHE A 106 18.64 3.25 -15.66
N ILE A 107 19.29 3.24 -14.49
CA ILE A 107 20.36 2.33 -14.12
C ILE A 107 20.22 2.00 -12.65
N GLU A 108 20.49 0.75 -12.31
CA GLU A 108 20.48 0.26 -10.94
C GLU A 108 21.97 0.05 -10.60
N ILE A 109 22.53 0.94 -9.76
CA ILE A 109 23.92 0.81 -9.35
C ILE A 109 24.02 -0.22 -8.21
N GLY A 110 25.19 -0.81 -8.04
CA GLY A 110 25.38 -1.86 -7.04
C GLY A 110 25.28 -3.25 -7.65
N THR A 111 25.03 -4.31 -6.85
CA THR A 111 24.76 -4.31 -5.41
C THR A 111 25.95 -3.81 -4.61
N ILE A 112 25.63 -3.00 -3.59
CA ILE A 112 26.58 -2.41 -2.65
C ILE A 112 26.37 -2.96 -1.23
N THR A 113 27.47 -3.07 -0.50
CA THR A 113 27.54 -3.56 0.87
C THR A 113 28.20 -2.43 1.73
N PRO A 114 27.99 -2.39 3.07
CA PRO A 114 28.61 -1.33 3.89
C PRO A 114 30.13 -1.16 3.73
N ARG A 115 30.85 -2.29 3.72
CA ARG A 115 32.30 -2.31 3.52
C ARG A 115 32.54 -2.92 2.15
N GLY A 116 33.60 -2.49 1.48
CA GLY A 116 33.95 -3.03 0.17
C GLY A 116 34.38 -4.47 0.24
N GLN A 117 34.18 -5.23 -0.83
CA GLN A 117 34.59 -6.62 -0.87
C GLN A 117 35.29 -6.90 -2.18
N THR A 118 36.32 -7.77 -2.14
CA THR A 118 37.06 -8.18 -3.33
C THR A 118 36.14 -9.09 -4.14
N GLY A 119 35.26 -9.81 -3.43
CA GLY A 119 34.35 -10.79 -3.99
C GLY A 119 35.03 -12.14 -4.06
N ASN A 120 34.40 -13.12 -4.73
CA ASN A 120 34.93 -14.50 -4.88
C ASN A 120 36.12 -14.57 -5.87
N ALA A 121 36.79 -15.72 -5.91
CA ALA A 121 37.97 -15.98 -6.73
C ALA A 121 37.74 -15.87 -8.24
N LYS A 122 38.73 -15.32 -8.98
CA LYS A 122 38.73 -15.14 -10.44
C LYS A 122 39.38 -16.35 -11.17
N PRO A 123 38.96 -16.73 -12.41
CA PRO A 123 37.87 -16.17 -13.23
C PRO A 123 36.52 -16.47 -12.62
N ARG A 124 35.53 -15.59 -12.82
CA ARG A 124 34.21 -15.76 -12.20
C ARG A 124 33.04 -15.27 -13.09
N ILE A 125 33.32 -14.98 -14.37
CA ILE A 125 32.34 -14.58 -15.37
C ILE A 125 32.74 -15.35 -16.63
N PHE A 126 31.77 -16.10 -17.19
CA PHE A 126 31.96 -16.94 -18.38
C PHE A 126 30.74 -16.81 -19.29
N ARG A 127 30.94 -16.92 -20.62
CA ARG A 127 29.83 -16.80 -21.55
C ARG A 127 29.78 -17.91 -22.58
N ASP A 128 28.55 -18.32 -22.94
CA ASP A 128 28.26 -19.29 -24.00
C ASP A 128 27.47 -18.51 -25.05
N VAL A 129 28.16 -18.16 -26.17
CA VAL A 129 27.58 -17.35 -27.25
C VAL A 129 26.46 -18.12 -27.95
N GLU A 130 26.67 -19.43 -28.15
CA GLU A 130 25.73 -20.37 -28.80
C GLU A 130 24.29 -20.25 -28.25
N SER A 131 24.14 -20.19 -26.92
CA SER A 131 22.85 -20.08 -26.24
C SER A 131 22.57 -18.66 -25.72
N ARG A 132 23.55 -17.73 -25.83
CA ARG A 132 23.48 -16.34 -25.36
C ARG A 132 23.31 -16.29 -23.85
N SER A 133 24.14 -17.06 -23.14
CA SER A 133 24.06 -17.16 -21.69
C SER A 133 25.37 -16.82 -21.00
N ILE A 134 25.28 -16.46 -19.69
CA ILE A 134 26.39 -16.09 -18.79
C ILE A 134 26.23 -16.84 -17.45
N ILE A 135 27.35 -17.22 -16.83
CA ILE A 135 27.36 -17.80 -15.50
C ILE A 135 28.32 -16.95 -14.65
N ASN A 136 27.93 -16.60 -13.41
CA ASN A 136 28.79 -15.76 -12.56
C ASN A 136 28.75 -16.11 -11.09
N SER A 137 29.93 -16.00 -10.43
CA SER A 137 30.15 -16.20 -8.99
C SER A 137 31.00 -15.03 -8.52
N CYS A 138 30.47 -13.81 -8.69
CA CYS A 138 31.14 -12.56 -8.33
C CYS A 138 31.31 -12.34 -6.80
N GLY A 139 30.26 -12.61 -6.03
CA GLY A 139 30.24 -12.50 -4.57
C GLY A 139 30.28 -11.07 -4.02
N PHE A 140 29.44 -10.19 -4.58
CA PHE A 140 29.31 -8.77 -4.24
C PHE A 140 30.65 -8.03 -4.20
N ASN A 141 31.37 -8.03 -5.33
CA ASN A 141 32.63 -7.30 -5.45
C ASN A 141 32.28 -5.82 -5.62
N ASN A 142 32.56 -4.98 -4.61
CA ASN A 142 32.27 -3.54 -4.70
C ASN A 142 33.29 -2.69 -3.94
N MET A 143 33.25 -1.35 -4.10
CA MET A 143 34.20 -0.47 -3.41
C MET A 143 33.66 -0.03 -2.04
N GLY A 144 32.52 -0.59 -1.68
CA GLY A 144 31.86 -0.25 -0.44
C GLY A 144 30.88 0.87 -0.64
N CYS A 145 29.95 0.95 0.29
CA CYS A 145 28.87 1.92 0.35
C CYS A 145 29.32 3.39 0.32
N ASP A 146 30.37 3.71 1.07
CA ASP A 146 30.95 5.03 1.23
C ASP A 146 31.63 5.53 -0.05
N LYS A 147 32.35 4.65 -0.76
CA LYS A 147 33.03 5.00 -2.01
C LYS A 147 32.01 5.15 -3.15
N VAL A 148 30.99 4.27 -3.19
CA VAL A 148 29.92 4.32 -4.18
C VAL A 148 29.08 5.57 -4.00
N THR A 149 28.79 5.97 -2.73
CA THR A 149 28.08 7.20 -2.37
C THR A 149 28.82 8.40 -2.94
N GLU A 150 30.17 8.42 -2.79
CA GLU A 150 31.07 9.46 -3.32
C GLU A 150 30.87 9.64 -4.82
N ASN A 151 30.72 8.53 -5.56
CA ASN A 151 30.48 8.53 -7.00
C ASN A 151 29.08 8.94 -7.41
N LEU A 152 28.08 8.59 -6.60
CA LEU A 152 26.70 8.96 -6.89
C LEU A 152 26.48 10.45 -6.65
N ILE A 153 27.13 11.02 -5.61
CA ILE A 153 27.07 12.46 -5.31
C ILE A 153 27.70 13.23 -6.46
N LEU A 154 28.78 12.67 -7.06
CA LEU A 154 29.43 13.29 -8.21
C LEU A 154 28.47 13.37 -9.38
N PHE A 155 27.77 12.25 -9.68
CA PHE A 155 26.79 12.20 -10.76
C PHE A 155 25.62 13.18 -10.53
N ARG A 156 25.05 13.19 -9.30
CA ARG A 156 23.94 14.07 -8.95
C ARG A 156 24.31 15.50 -9.08
N LYS A 157 25.58 15.83 -8.87
CA LYS A 157 26.12 17.18 -9.03
C LYS A 157 26.21 17.55 -10.52
N ARG A 158 26.67 16.60 -11.37
CA ARG A 158 26.77 16.76 -12.84
C ARG A 158 25.35 16.94 -13.40
N GLN A 159 24.38 16.16 -12.88
CA GLN A 159 22.97 16.15 -13.24
C GLN A 159 22.30 17.50 -13.07
N GLU A 160 22.66 18.27 -12.03
CA GLU A 160 22.10 19.60 -11.78
C GLU A 160 22.44 20.54 -12.94
N GLU A 161 23.74 20.64 -13.32
CA GLU A 161 24.28 21.44 -14.43
C GLU A 161 23.70 21.05 -15.79
N ASP A 162 23.52 19.73 -16.01
CA ASP A 162 23.03 19.06 -17.21
C ASP A 162 21.49 19.04 -17.34
N LYS A 163 20.97 19.39 -18.52
CA LYS A 163 19.54 19.35 -18.82
C LYS A 163 19.16 17.95 -19.35
N LEU A 164 20.11 17.22 -19.97
CA LEU A 164 19.90 15.89 -20.57
C LEU A 164 19.64 14.79 -19.54
N LEU A 165 20.42 14.74 -18.46
CA LEU A 165 20.23 13.69 -17.46
C LEU A 165 19.21 14.08 -16.38
N SER A 166 18.45 15.17 -16.60
CA SER A 166 17.42 15.66 -15.67
C SER A 166 16.29 14.67 -15.41
N LYS A 167 15.97 13.83 -16.41
CA LYS A 167 14.87 12.89 -16.33
C LYS A 167 15.29 11.43 -16.08
N HIS A 168 16.58 11.12 -16.20
CA HIS A 168 17.10 9.76 -16.01
C HIS A 168 17.09 9.31 -14.53
N ILE A 169 16.48 8.15 -14.26
CA ILE A 169 16.33 7.56 -12.93
C ILE A 169 17.61 6.78 -12.56
N VAL A 170 18.09 6.88 -11.29
CA VAL A 170 19.24 6.10 -10.79
C VAL A 170 18.86 5.42 -9.47
N GLY A 171 18.76 4.10 -9.49
CA GLY A 171 18.45 3.30 -8.30
C GLY A 171 19.69 2.68 -7.70
N VAL A 172 19.61 2.24 -6.43
CA VAL A 172 20.74 1.59 -5.75
C VAL A 172 20.28 0.23 -5.23
N SER A 173 21.11 -0.83 -5.49
CA SER A 173 20.89 -2.20 -5.01
C SER A 173 21.75 -2.42 -3.77
N ILE A 174 21.11 -2.76 -2.65
CA ILE A 174 21.79 -2.93 -1.37
C ILE A 174 21.71 -4.37 -0.87
N GLY A 175 22.83 -4.81 -0.31
CA GLY A 175 22.99 -6.16 0.20
C GLY A 175 23.77 -6.20 1.48
N LYS A 176 24.43 -7.30 1.74
CA LYS A 176 25.21 -7.44 2.96
C LYS A 176 26.59 -8.01 2.74
N ASN A 177 27.52 -7.64 3.62
CA ASN A 177 28.85 -8.19 3.60
C ASN A 177 28.75 -9.68 3.96
N LYS A 178 29.56 -10.54 3.32
CA LYS A 178 29.59 -12.00 3.52
C LYS A 178 29.48 -12.41 5.01
N ASP A 179 30.32 -11.80 5.89
CA ASP A 179 30.41 -12.06 7.32
C ASP A 179 29.30 -11.41 8.18
N THR A 180 28.41 -10.60 7.58
CA THR A 180 27.33 -9.99 8.35
C THR A 180 26.31 -11.03 8.81
N VAL A 181 26.32 -11.24 10.13
CA VAL A 181 25.48 -12.19 10.84
C VAL A 181 23.99 -11.75 10.86
N ASN A 182 23.65 -10.50 10.42
CA ASN A 182 22.27 -9.95 10.35
C ASN A 182 22.11 -8.83 9.27
N ILE A 183 21.48 -9.18 8.11
CA ILE A 183 21.17 -8.29 6.96
C ILE A 183 20.73 -6.87 7.37
N VAL A 184 19.64 -6.74 8.18
CA VAL A 184 18.97 -5.51 8.63
C VAL A 184 20.01 -4.41 8.97
N ASP A 185 20.97 -4.70 9.88
CA ASP A 185 22.07 -3.80 10.27
C ASP A 185 22.84 -3.21 9.05
N ASP A 186 23.17 -4.11 8.07
CA ASP A 186 23.89 -3.76 6.84
C ASP A 186 23.05 -2.91 5.88
N LEU A 187 21.72 -3.10 5.89
CA LEU A 187 20.82 -2.33 5.04
C LEU A 187 20.48 -1.00 5.69
N LYS A 188 20.42 -0.95 7.04
CA LYS A 188 20.17 0.27 7.82
C LYS A 188 21.32 1.28 7.61
N TYR A 189 22.58 0.78 7.44
CA TYR A 189 23.81 1.54 7.17
C TYR A 189 23.81 2.19 5.76
N CYS A 190 23.51 1.39 4.70
CA CYS A 190 23.47 1.85 3.32
C CYS A 190 22.39 2.90 3.09
N ILE A 191 21.17 2.69 3.61
CA ILE A 191 20.08 3.66 3.51
C ILE A 191 20.50 4.98 4.14
N ASN A 192 21.10 4.94 5.35
CA ASN A 192 21.53 6.17 6.03
C ASN A 192 22.63 6.95 5.25
N LYS A 193 23.47 6.22 4.50
CA LYS A 193 24.53 6.79 3.69
C LYS A 193 24.08 7.26 2.29
N ILE A 194 23.48 6.34 1.49
CA ILE A 194 23.12 6.58 0.10
C ILE A 194 21.64 6.87 -0.19
N GLY A 195 20.73 6.65 0.75
CA GLY A 195 19.30 6.86 0.55
C GLY A 195 18.93 8.19 -0.10
N ARG A 196 19.49 9.30 0.42
CA ARG A 196 19.34 10.69 -0.04
C ARG A 196 19.52 10.91 -1.55
N TYR A 197 20.33 10.06 -2.20
CA TYR A 197 20.71 10.19 -3.61
C TYR A 197 20.15 9.13 -4.55
N ALA A 198 19.16 8.36 -4.08
CA ALA A 198 18.54 7.30 -4.86
C ALA A 198 17.08 7.57 -5.11
N ASP A 199 16.63 7.31 -6.34
CA ASP A 199 15.24 7.43 -6.78
C ASP A 199 14.45 6.20 -6.31
N TYR A 200 15.16 5.11 -6.06
CA TYR A 200 14.64 3.87 -5.50
C TYR A 200 15.76 3.02 -4.94
N ILE A 201 15.41 2.18 -3.97
CA ILE A 201 16.28 1.25 -3.28
C ILE A 201 15.80 -0.15 -3.67
N ALA A 202 16.74 -1.04 -4.01
CA ALA A 202 16.44 -2.40 -4.39
C ALA A 202 17.06 -3.29 -3.31
N ILE A 203 16.21 -4.05 -2.59
CA ILE A 203 16.71 -4.93 -1.54
C ILE A 203 17.17 -6.22 -2.20
N ASN A 204 18.47 -6.47 -2.16
CA ASN A 204 19.00 -7.70 -2.75
C ASN A 204 19.01 -8.86 -1.77
N VAL A 205 17.97 -9.69 -1.83
CA VAL A 205 17.85 -10.93 -1.02
C VAL A 205 17.82 -12.18 -1.95
N SER A 206 18.28 -12.03 -3.20
CA SER A 206 18.17 -13.04 -4.24
C SER A 206 19.47 -13.56 -4.87
N SER A 207 20.63 -13.04 -4.43
CA SER A 207 21.94 -13.49 -4.95
C SER A 207 22.29 -14.96 -4.62
N PRO A 208 22.77 -15.74 -5.61
CA PRO A 208 23.16 -17.11 -5.30
C PRO A 208 24.67 -17.27 -4.98
N ASN A 209 25.44 -16.15 -5.03
CA ASN A 209 26.90 -16.16 -4.85
C ASN A 209 27.40 -15.55 -3.52
N THR A 210 26.48 -15.38 -2.57
CA THR A 210 26.78 -14.90 -1.22
C THR A 210 25.89 -15.71 -0.27
N PRO A 211 26.48 -16.74 0.41
CA PRO A 211 25.66 -17.63 1.27
C PRO A 211 25.25 -17.02 2.61
N GLY A 212 23.98 -17.18 3.04
CA GLY A 212 22.85 -17.77 2.34
C GLY A 212 21.75 -16.73 2.34
N LEU A 213 21.96 -15.67 1.55
CA LEU A 213 21.11 -14.50 1.39
C LEU A 213 19.66 -14.82 0.96
N ARG A 214 19.49 -15.90 0.21
CA ARG A 214 18.22 -16.38 -0.31
C ARG A 214 17.30 -16.88 0.78
N ASP A 215 17.85 -17.27 1.94
CA ASP A 215 17.10 -17.75 3.12
C ASP A 215 16.25 -16.61 3.69
N ASN A 216 16.55 -15.37 3.25
CA ASN A 216 15.84 -14.15 3.66
C ASN A 216 14.57 -13.96 2.86
N GLN A 217 14.33 -14.83 1.89
CA GLN A 217 13.10 -14.78 1.11
C GLN A 217 11.90 -15.43 1.86
N GLU A 218 12.13 -16.03 3.06
CA GLU A 218 11.03 -16.60 3.85
C GLU A 218 10.16 -15.47 4.40
N ALA A 219 8.82 -15.66 4.35
CA ALA A 219 7.78 -14.68 4.75
C ALA A 219 8.12 -13.83 5.99
N GLY A 220 8.46 -14.50 7.09
CA GLY A 220 8.80 -13.87 8.36
C GLY A 220 9.99 -12.94 8.29
N LYS A 221 11.12 -13.47 7.76
CA LYS A 221 12.39 -12.79 7.57
C LYS A 221 12.23 -11.64 6.62
N LEU A 222 11.59 -11.86 5.46
CA LEU A 222 11.35 -10.84 4.45
C LEU A 222 10.46 -9.68 4.93
N LYS A 223 9.38 -9.96 5.67
CA LYS A 223 8.50 -8.92 6.19
C LYS A 223 9.28 -7.99 7.11
N ASN A 224 10.13 -8.54 8.00
CA ASN A 224 10.97 -7.77 8.93
C ASN A 224 11.98 -6.92 8.17
N ILE A 225 12.58 -7.47 7.11
CA ILE A 225 13.54 -6.77 6.26
C ILE A 225 12.87 -5.53 5.61
N ILE A 226 11.74 -5.77 4.90
CA ILE A 226 10.99 -4.74 4.16
C ILE A 226 10.51 -3.62 5.08
N LEU A 227 9.98 -3.95 6.27
CA LEU A 227 9.49 -2.93 7.19
C LEU A 227 10.60 -2.16 7.86
N SER A 228 11.75 -2.81 8.11
CA SER A 228 12.94 -2.18 8.68
C SER A 228 13.51 -1.17 7.69
N VAL A 229 13.64 -1.56 6.40
CA VAL A 229 14.16 -0.70 5.34
C VAL A 229 13.26 0.54 5.15
N LYS A 230 11.96 0.32 4.97
CA LYS A 230 10.96 1.39 4.80
C LYS A 230 10.96 2.34 5.98
N GLU A 231 11.17 1.82 7.21
CA GLU A 231 11.24 2.59 8.46
C GLU A 231 12.48 3.45 8.49
N GLU A 232 13.60 2.94 7.97
CA GLU A 232 14.84 3.70 7.92
C GLU A 232 14.73 4.86 6.95
N ILE A 233 14.09 4.63 5.79
CA ILE A 233 13.86 5.65 4.77
C ILE A 233 13.02 6.77 5.33
N ASP A 234 11.94 6.41 6.05
CA ASP A 234 11.04 7.33 6.74
C ASP A 234 11.82 8.17 7.78
N ASN A 235 12.76 7.53 8.51
CA ASN A 235 13.60 8.14 9.53
C ASN A 235 14.55 9.21 9.01
N LEU A 236 14.99 9.19 7.72
CA LEU A 236 15.86 10.23 7.12
C LEU A 236 15.17 11.60 7.17
N GLU A 237 13.87 11.64 6.77
CA GLU A 237 13.02 12.84 6.78
C GLU A 237 12.84 13.34 8.21
N LYS A 238 12.49 12.39 9.13
CA LYS A 238 12.25 12.64 10.56
C LYS A 238 13.51 13.08 11.32
N ASN A 239 14.58 13.46 10.58
CA ASN A 239 15.82 13.94 11.14
C ASN A 239 16.37 15.21 10.39
N ASN A 240 15.47 16.19 10.10
CA ASN A 240 15.73 17.53 9.52
C ASN A 240 14.50 18.24 8.90
N ILE A 241 14.52 19.60 8.93
CA ILE A 241 13.52 20.55 8.39
C ILE A 241 13.64 20.69 6.83
N MET A 242 14.72 20.12 6.24
CA MET A 242 14.99 20.14 4.80
C MET A 242 13.97 19.25 4.08
N ASN A 243 13.20 19.88 3.17
CA ASN A 243 12.13 19.28 2.36
C ASN A 243 12.73 18.29 1.36
N PHE A 246 15.38 19.97 -0.51
CA PHE A 246 16.84 20.05 -0.31
C PHE A 246 17.37 18.67 0.10
N LEU A 247 16.61 17.97 0.99
CA LEU A 247 16.94 16.65 1.51
C LEU A 247 17.03 15.63 0.40
N TRP A 248 16.16 15.68 -0.61
CA TRP A 248 16.22 14.63 -1.63
C TRP A 248 17.03 15.09 -2.83
N PHE A 249 18.25 14.55 -2.93
CA PHE A 249 19.20 14.86 -4.00
C PHE A 249 19.20 13.73 -5.02
N ASN A 250 18.00 13.53 -5.62
CA ASN A 250 17.72 12.54 -6.64
C ASN A 250 16.94 13.16 -7.83
N THR A 251 16.46 12.32 -8.79
CA THR A 251 15.73 12.75 -9.98
C THR A 251 14.29 13.15 -9.60
N THR A 252 13.64 12.34 -8.75
CA THR A 252 12.26 12.55 -8.33
C THR A 252 12.08 13.68 -7.35
N LYS A 253 13.11 13.98 -6.54
CA LYS A 253 13.10 15.00 -5.47
C LYS A 253 12.12 14.58 -4.38
N LYS A 254 11.84 13.26 -4.31
CA LYS A 254 10.93 12.57 -3.40
C LYS A 254 11.66 11.37 -2.78
N LYS A 255 11.21 10.91 -1.59
CA LYS A 255 11.82 9.75 -0.90
C LYS A 255 11.93 8.53 -1.83
N PRO A 256 13.07 7.77 -1.80
CA PRO A 256 13.21 6.63 -2.71
C PRO A 256 12.11 5.60 -2.56
N LEU A 257 11.72 4.98 -3.67
CA LEU A 257 10.75 3.89 -3.64
C LEU A 257 11.54 2.68 -3.18
N VAL A 258 10.86 1.68 -2.55
CA VAL A 258 11.51 0.47 -2.04
C VAL A 258 11.05 -0.72 -2.86
N PHE A 259 12.00 -1.36 -3.54
CA PHE A 259 11.79 -2.53 -4.40
C PHE A 259 12.51 -3.74 -3.83
N VAL A 260 12.07 -4.95 -4.18
CA VAL A 260 12.71 -6.16 -3.75
C VAL A 260 13.05 -7.02 -4.98
N LYS A 261 14.31 -7.48 -5.08
CA LYS A 261 14.71 -8.33 -6.19
C LYS A 261 14.60 -9.77 -5.74
N LEU A 262 13.79 -10.58 -6.46
CA LEU A 262 13.55 -11.98 -6.10
C LEU A 262 14.24 -12.98 -7.02
N ALA A 263 14.65 -14.12 -6.44
CA ALA A 263 15.28 -15.23 -7.16
C ALA A 263 14.18 -16.08 -7.84
N PRO A 264 14.44 -16.67 -9.03
CA PRO A 264 13.38 -17.47 -9.67
C PRO A 264 13.21 -18.86 -9.09
N ASP A 265 14.24 -19.34 -8.41
CA ASP A 265 14.33 -20.68 -7.83
C ASP A 265 13.51 -20.83 -6.53
N LEU A 266 12.18 -20.68 -6.62
CA LEU A 266 11.25 -20.80 -5.49
C LEU A 266 10.12 -21.78 -5.85
N ASN A 267 9.43 -22.37 -4.84
CA ASN A 267 8.26 -23.22 -5.12
C ASN A 267 6.98 -22.35 -5.10
N GLN A 268 5.81 -22.95 -5.39
CA GLN A 268 4.58 -22.15 -5.42
C GLN A 268 4.16 -21.64 -4.03
N GLU A 269 4.37 -22.44 -2.96
CA GLU A 269 4.05 -22.08 -1.57
C GLU A 269 4.84 -20.83 -1.16
N GLN A 270 6.16 -20.83 -1.46
CA GLN A 270 7.09 -19.74 -1.17
C GLN A 270 6.70 -18.45 -1.87
N LYS A 271 6.32 -18.55 -3.17
CA LYS A 271 5.90 -17.42 -4.01
C LYS A 271 4.60 -16.79 -3.48
N LYS A 272 3.55 -17.60 -3.15
CA LYS A 272 2.26 -17.13 -2.59
C LYS A 272 2.50 -16.48 -1.22
N GLU A 273 3.35 -17.10 -0.38
CA GLU A 273 3.73 -16.60 0.94
C GLU A 273 4.38 -15.19 0.84
N ILE A 274 5.32 -15.01 -0.12
CA ILE A 274 5.97 -13.72 -0.41
C ILE A 274 4.90 -12.68 -0.88
N ALA A 275 4.08 -13.05 -1.88
CA ALA A 275 3.01 -12.22 -2.42
C ALA A 275 2.19 -11.55 -1.32
N ASP A 276 1.79 -12.34 -0.30
CA ASP A 276 0.98 -11.88 0.83
C ASP A 276 1.71 -10.86 1.70
N VAL A 277 3.06 -10.95 1.78
CA VAL A 277 3.95 -10.05 2.53
C VAL A 277 4.11 -8.73 1.76
N LEU A 278 4.36 -8.81 0.44
CA LEU A 278 4.49 -7.64 -0.43
C LEU A 278 3.20 -6.82 -0.41
N LEU A 279 2.03 -7.48 -0.21
CA LEU A 279 0.75 -6.78 -0.10
C LEU A 279 0.58 -6.09 1.27
N GLU A 280 0.90 -6.79 2.37
CA GLU A 280 0.79 -6.24 3.72
C GLU A 280 1.79 -5.09 3.94
N THR A 281 3.07 -5.29 3.59
CA THR A 281 4.14 -4.30 3.79
C THR A 281 4.07 -3.09 2.85
N ASN A 282 3.30 -3.20 1.74
CA ASN A 282 3.11 -2.18 0.70
C ASN A 282 4.44 -1.82 0.03
N ILE A 283 5.16 -2.86 -0.43
CA ILE A 283 6.37 -2.70 -1.22
C ILE A 283 6.00 -1.98 -2.55
N ASP A 284 6.87 -1.14 -3.06
CA ASP A 284 6.60 -0.31 -4.24
C ASP A 284 6.67 -1.00 -5.59
N GLY A 285 7.43 -2.08 -5.68
CA GLY A 285 7.64 -2.85 -6.89
C GLY A 285 8.52 -4.05 -6.64
N MET A 286 8.54 -5.02 -7.57
CA MET A 286 9.34 -6.23 -7.44
C MET A 286 10.11 -6.54 -8.71
N ILE A 287 11.44 -6.79 -8.57
CA ILE A 287 12.32 -7.09 -9.68
C ILE A 287 12.37 -8.62 -9.86
N ILE A 288 11.60 -9.09 -10.83
CA ILE A 288 11.48 -10.52 -11.17
C ILE A 288 12.26 -10.77 -12.47
N SER A 289 13.43 -11.43 -12.40
CA SER A 289 14.11 -12.07 -11.29
C SER A 289 15.64 -11.90 -11.36
N ASN A 290 16.33 -12.57 -10.44
CA ASN A 290 17.78 -12.59 -10.39
C ASN A 290 18.25 -13.80 -11.25
N THR A 291 19.51 -14.21 -11.09
CA THR A 291 20.07 -15.35 -11.81
C THR A 291 19.50 -16.68 -11.28
N THR A 292 19.64 -17.74 -12.07
CA THR A 292 19.10 -19.05 -11.72
C THR A 292 20.18 -20.13 -11.59
N THR A 293 20.02 -21.00 -10.59
CA THR A 293 20.91 -22.13 -10.30
C THR A 293 20.22 -23.47 -10.65
N GLN A 294 19.20 -23.42 -11.51
CA GLN A 294 18.41 -24.56 -11.96
C GLN A 294 18.92 -25.13 -13.27
N ILE A 295 19.57 -24.30 -14.13
CA ILE A 295 20.04 -24.70 -15.45
C ILE A 295 21.27 -25.62 -15.39
N ASN A 296 21.12 -26.82 -16.02
CA ASN A 296 22.12 -27.90 -16.12
C ASN A 296 22.29 -28.32 -17.59
N ASP A 297 21.56 -27.66 -18.50
CA ASP A 297 21.53 -27.92 -19.95
C ASP A 297 22.57 -27.12 -20.76
N ILE A 298 23.65 -26.62 -20.11
CA ILE A 298 24.75 -25.89 -20.77
C ILE A 298 26.10 -26.63 -20.56
N LYS A 299 26.70 -27.14 -21.69
CA LYS A 299 27.97 -27.89 -21.68
C LYS A 299 29.13 -27.06 -21.15
N SER A 300 29.28 -25.81 -21.65
CA SER A 300 30.38 -24.92 -21.27
C SER A 300 30.39 -24.49 -19.78
N PHE A 301 29.26 -24.71 -19.06
CA PHE A 301 29.05 -24.32 -17.65
C PHE A 301 29.02 -25.51 -16.68
N GLU A 302 29.23 -26.76 -17.19
CA GLU A 302 29.19 -28.00 -16.39
C GLU A 302 30.07 -27.90 -15.12
N ASN A 303 31.36 -27.64 -15.29
CA ASN A 303 32.33 -27.53 -14.20
C ASN A 303 32.05 -26.30 -13.33
N LYS A 304 31.63 -25.19 -13.98
CA LYS A 304 31.40 -23.86 -13.42
C LYS A 304 30.32 -23.77 -12.36
N LYS A 305 30.49 -22.83 -11.42
CA LYS A 305 29.56 -22.54 -10.33
C LYS A 305 29.16 -21.04 -10.36
N GLY A 306 27.88 -20.77 -10.15
CA GLY A 306 27.29 -19.45 -10.13
C GLY A 306 25.85 -19.47 -10.57
N GLY A 307 25.30 -18.29 -10.86
CA GLY A 307 23.94 -18.13 -11.33
C GLY A 307 23.93 -17.84 -12.82
N VAL A 308 23.02 -18.47 -13.55
CA VAL A 308 22.89 -18.34 -15.01
C VAL A 308 21.95 -17.19 -15.43
N SER A 309 22.45 -16.32 -16.34
CA SER A 309 21.78 -15.18 -16.98
C SER A 309 21.59 -15.38 -18.49
N GLY A 310 20.85 -14.48 -19.12
CA GLY A 310 20.62 -14.50 -20.56
C GLY A 310 19.44 -15.30 -21.05
N ALA A 311 19.50 -15.69 -22.33
CA ALA A 311 18.47 -16.40 -23.08
C ALA A 311 17.92 -17.67 -22.41
N LYS A 312 18.80 -18.44 -21.73
CA LYS A 312 18.38 -19.66 -21.02
C LYS A 312 17.52 -19.35 -19.78
N LEU A 313 17.51 -18.08 -19.32
CA LEU A 313 16.72 -17.58 -18.17
C LEU A 313 15.39 -16.92 -18.60
N LYS A 314 15.25 -16.53 -19.88
CA LYS A 314 14.04 -15.87 -20.41
C LYS A 314 12.70 -16.56 -20.07
N ASP A 315 12.53 -17.84 -20.43
CA ASP A 315 11.25 -18.57 -20.25
C ASP A 315 10.83 -18.71 -18.77
N ILE A 316 11.79 -19.03 -17.88
CA ILE A 316 11.60 -19.16 -16.43
C ILE A 316 11.01 -17.83 -15.87
N SER A 317 11.73 -16.71 -16.11
CA SER A 317 11.42 -15.36 -15.68
C SER A 317 10.04 -14.84 -16.09
N THR A 318 9.65 -15.05 -17.36
CA THR A 318 8.35 -14.62 -17.87
C THR A 318 7.23 -15.40 -17.16
N LYS A 319 7.45 -16.72 -16.91
CA LYS A 319 6.53 -17.60 -16.18
C LYS A 319 6.41 -17.11 -14.71
N PHE A 320 7.53 -16.66 -14.10
CA PHE A 320 7.60 -16.16 -12.73
C PHE A 320 6.89 -14.80 -12.59
N ILE A 321 6.93 -13.93 -13.64
CA ILE A 321 6.21 -12.64 -13.66
C ILE A 321 4.69 -12.90 -13.62
N CYS A 322 4.22 -13.89 -14.40
CA CYS A 322 2.81 -14.26 -14.45
C CYS A 322 2.31 -14.67 -13.08
N GLU A 323 3.04 -15.60 -12.43
CA GLU A 323 2.71 -16.14 -11.13
C GLU A 323 2.59 -15.04 -10.08
N MET A 324 3.60 -14.17 -9.99
CA MET A 324 3.64 -13.07 -9.03
C MET A 324 2.66 -11.96 -9.32
N TYR A 325 2.42 -11.63 -10.60
CA TYR A 325 1.43 -10.63 -11.03
C TYR A 325 0.00 -11.13 -10.70
N ASN A 326 -0.21 -12.46 -10.69
CA ASN A 326 -1.51 -13.03 -10.35
C ASN A 326 -1.66 -13.15 -8.84
N TYR A 327 -0.57 -13.52 -8.13
CA TYR A 327 -0.52 -13.71 -6.68
C TYR A 327 -0.68 -12.39 -5.90
N THR A 328 -0.08 -11.30 -6.40
CA THR A 328 -0.18 -9.98 -5.80
C THR A 328 -1.40 -9.22 -6.37
N ASN A 329 -2.31 -9.95 -7.06
CA ASN A 329 -3.56 -9.47 -7.67
C ASN A 329 -3.40 -8.11 -8.39
N LYS A 330 -2.31 -8.01 -9.17
CA LYS A 330 -1.92 -6.87 -10.00
C LYS A 330 -1.57 -5.59 -9.19
N GLN A 331 -1.52 -5.67 -7.86
CA GLN A 331 -1.25 -4.52 -6.98
C GLN A 331 0.20 -4.07 -6.88
N ILE A 332 1.17 -4.97 -7.14
CA ILE A 332 2.60 -4.63 -7.00
C ILE A 332 3.23 -4.51 -8.39
N PRO A 333 3.67 -3.30 -8.82
CA PRO A 333 4.32 -3.18 -10.15
C PRO A 333 5.55 -4.06 -10.26
N ILE A 334 5.89 -4.55 -11.47
CA ILE A 334 7.02 -5.42 -11.74
C ILE A 334 8.06 -4.77 -12.66
N ILE A 335 9.36 -4.98 -12.37
CA ILE A 335 10.53 -4.62 -13.18
C ILE A 335 11.06 -6.00 -13.70
N ALA A 336 11.05 -6.25 -15.02
CA ALA A 336 11.50 -7.53 -15.61
C ALA A 336 13.01 -7.56 -15.90
N SER A 337 13.60 -8.76 -15.80
CA SER A 337 15.02 -9.09 -15.97
C SER A 337 15.05 -10.60 -15.75
N GLY A 338 15.49 -11.43 -16.68
CA GLY A 338 16.06 -11.08 -17.96
C GLY A 338 15.83 -12.16 -19.00
N GLY A 339 16.71 -12.14 -20.00
CA GLY A 339 16.62 -12.93 -21.22
C GLY A 339 15.99 -12.05 -22.29
N ILE A 340 16.03 -10.71 -22.07
CA ILE A 340 15.49 -9.68 -22.96
C ILE A 340 16.59 -9.23 -23.95
N PHE A 341 16.42 -9.55 -25.26
CA PHE A 341 17.36 -9.22 -26.34
C PHE A 341 16.65 -8.52 -27.53
N SER A 342 15.33 -8.75 -27.69
CA SER A 342 14.52 -8.18 -28.75
C SER A 342 13.27 -7.44 -28.24
N GLY A 343 12.55 -6.77 -29.14
CA GLY A 343 11.31 -6.08 -28.83
C GLY A 343 10.19 -7.02 -28.45
N LEU A 344 10.25 -8.25 -28.99
CA LEU A 344 9.27 -9.30 -28.68
C LEU A 344 9.49 -9.77 -27.26
N ASP A 345 10.77 -9.96 -26.86
CA ASP A 345 11.17 -10.34 -25.51
C ASP A 345 10.64 -9.30 -24.52
N ALA A 346 10.76 -8.01 -24.88
CA ALA A 346 10.29 -6.88 -24.08
C ALA A 346 8.76 -6.91 -23.95
N LEU A 347 8.03 -6.96 -25.08
CA LEU A 347 6.57 -7.02 -25.06
C LEU A 347 6.03 -8.26 -24.33
N GLU A 348 6.76 -9.41 -24.38
CA GLU A 348 6.43 -10.67 -23.70
C GLU A 348 6.39 -10.44 -22.19
N LYS A 349 7.41 -9.73 -21.66
CA LYS A 349 7.56 -9.41 -20.24
C LYS A 349 6.46 -8.45 -19.79
N ILE A 350 6.17 -7.41 -20.62
CA ILE A 350 5.16 -6.37 -20.38
C ILE A 350 3.75 -6.98 -20.37
N GLU A 351 3.42 -7.82 -21.37
CA GLU A 351 2.12 -8.50 -21.48
C GLU A 351 1.90 -9.46 -20.32
N ALA A 352 3.00 -9.93 -19.68
CA ALA A 352 2.95 -10.85 -18.54
C ALA A 352 2.69 -10.13 -17.21
N GLY A 353 2.90 -8.80 -17.18
CA GLY A 353 2.68 -8.00 -15.99
C GLY A 353 3.70 -6.95 -15.64
N ALA A 354 4.85 -6.92 -16.35
CA ALA A 354 5.92 -5.95 -16.04
C ALA A 354 5.69 -4.51 -16.64
N SER A 355 6.13 -3.47 -15.89
CA SER A 355 6.05 -2.04 -16.26
C SER A 355 7.35 -1.52 -16.92
N VAL A 356 8.52 -2.01 -16.46
CA VAL A 356 9.84 -1.66 -16.98
C VAL A 356 10.64 -2.92 -17.29
N CYS A 357 11.74 -2.75 -18.03
CA CYS A 357 12.66 -3.83 -18.40
C CYS A 357 14.08 -3.44 -18.12
N GLN A 358 14.79 -4.31 -17.42
CA GLN A 358 16.20 -4.14 -17.14
C GLN A 358 16.95 -5.08 -18.06
N LEU A 359 18.10 -4.63 -18.58
CA LEU A 359 18.91 -5.43 -19.49
C LEU A 359 20.29 -5.68 -18.91
N TYR A 360 20.86 -6.86 -19.20
CA TYR A 360 22.22 -7.17 -18.77
C TYR A 360 22.95 -7.95 -19.85
N SER A 361 22.57 -9.22 -20.10
CA SER A 361 23.21 -10.07 -21.10
C SER A 361 23.09 -9.51 -22.51
N CYS A 362 22.02 -8.69 -22.80
CA CYS A 362 21.83 -8.00 -24.08
C CYS A 362 23.00 -7.08 -24.35
N LEU A 363 23.45 -6.35 -23.31
CA LEU A 363 24.60 -5.43 -23.41
C LEU A 363 25.90 -6.21 -23.63
N VAL A 364 25.96 -7.48 -23.16
CA VAL A 364 27.12 -8.38 -23.30
C VAL A 364 27.15 -9.03 -24.70
N PHE A 365 25.98 -9.39 -25.26
CA PHE A 365 25.94 -10.09 -26.54
C PHE A 365 25.65 -9.19 -27.75
N ASN A 366 25.00 -8.03 -27.54
CA ASN A 366 24.72 -7.08 -28.61
C ASN A 366 25.62 -5.83 -28.53
N GLY A 367 26.10 -5.52 -27.33
CA GLY A 367 27.01 -4.40 -27.10
C GLY A 367 26.38 -3.04 -26.99
N MET A 368 26.99 -2.07 -27.67
CA MET A 368 26.61 -0.65 -27.67
C MET A 368 25.26 -0.37 -28.35
N LYS A 369 24.93 -1.13 -29.42
CA LYS A 369 23.67 -0.95 -30.17
C LYS A 369 22.39 -1.20 -29.31
N SER A 370 22.46 -2.20 -28.38
CA SER A 370 21.45 -2.66 -27.43
C SER A 370 20.23 -1.76 -27.23
N ALA A 371 20.39 -0.57 -26.59
CA ALA A 371 19.27 0.34 -26.31
C ALA A 371 18.59 0.83 -27.57
N VAL A 372 19.36 1.55 -28.43
CA VAL A 372 18.93 2.09 -29.72
C VAL A 372 18.08 1.05 -30.50
N GLN A 373 18.61 -0.17 -30.67
CA GLN A 373 17.99 -1.30 -31.35
C GLN A 373 16.71 -1.78 -30.62
N ILE A 374 16.81 -2.16 -29.32
CA ILE A 374 15.66 -2.67 -28.55
C ILE A 374 14.51 -1.68 -28.54
N LYS A 375 14.82 -0.36 -28.52
CA LYS A 375 13.82 0.69 -28.51
C LYS A 375 13.09 0.77 -29.86
N ARG A 376 13.80 0.55 -30.98
CA ARG A 376 13.23 0.55 -32.33
C ARG A 376 12.23 -0.60 -32.49
N GLU A 377 12.67 -1.84 -32.14
CA GLU A 377 11.91 -3.09 -32.24
C GLU A 377 10.57 -3.00 -31.50
N LEU A 378 10.59 -2.48 -30.26
CA LEU A 378 9.39 -2.33 -29.42
C LEU A 378 8.38 -1.36 -30.01
N ASN A 379 8.80 -0.19 -30.51
CA ASN A 379 7.87 0.78 -31.13
C ASN A 379 7.24 0.20 -32.39
N HIS A 380 8.03 -0.54 -33.18
CA HIS A 380 7.65 -1.22 -34.41
C HIS A 380 6.62 -2.29 -34.11
N LEU A 381 6.82 -3.03 -33.00
CA LEU A 381 5.96 -4.12 -32.52
C LEU A 381 4.67 -3.62 -31.84
N LEU A 382 4.75 -2.54 -31.04
CA LEU A 382 3.60 -1.93 -30.35
C LEU A 382 2.59 -1.47 -31.38
N TYR A 383 3.06 -0.98 -32.54
CA TYR A 383 2.17 -0.54 -33.60
C TYR A 383 1.50 -1.76 -34.25
N GLN A 384 2.32 -2.77 -34.59
CA GLN A 384 1.95 -4.04 -35.24
C GLN A 384 0.90 -4.85 -34.48
N ARG A 385 0.90 -4.79 -33.14
CA ARG A 385 -0.05 -5.52 -32.31
C ARG A 385 -1.37 -4.79 -32.13
N GLY A 386 -1.34 -3.46 -32.28
CA GLY A 386 -2.53 -2.63 -32.17
C GLY A 386 -2.67 -1.96 -30.82
N TYR A 387 -1.62 -1.25 -30.39
CA TYR A 387 -1.57 -0.51 -29.13
C TYR A 387 -1.37 0.96 -29.37
N TYR A 388 -2.07 1.80 -28.56
CA TYR A 388 -1.90 3.26 -28.54
C TYR A 388 -0.58 3.54 -27.80
N ASN A 389 -0.35 2.89 -26.64
CA ASN A 389 0.86 3.09 -25.84
C ASN A 389 1.29 1.81 -25.12
N LEU A 390 2.46 1.86 -24.44
CA LEU A 390 3.01 0.74 -23.68
C LEU A 390 2.07 0.33 -22.53
N LYS A 391 1.68 1.30 -21.69
CA LYS A 391 0.78 1.13 -20.54
C LYS A 391 -0.40 0.20 -20.81
N GLU A 392 -1.03 0.34 -21.99
CA GLU A 392 -2.19 -0.40 -22.53
C GLU A 392 -1.93 -1.92 -22.67
N ALA A 393 -0.65 -2.30 -22.91
CA ALA A 393 -0.14 -3.66 -23.08
C ALA A 393 0.25 -4.34 -21.76
N ILE A 394 0.38 -3.57 -20.65
CA ILE A 394 0.82 -4.11 -19.35
C ILE A 394 -0.23 -5.11 -18.77
N GLY A 395 0.21 -6.35 -18.59
CA GLY A 395 -0.59 -7.46 -18.07
C GLY A 395 -1.67 -7.95 -19.01
N ARG A 396 -1.51 -7.69 -20.32
CA ARG A 396 -2.46 -8.04 -21.36
C ARG A 396 -2.69 -9.55 -21.51
N LYS A 397 -1.68 -10.39 -21.15
CA LYS A 397 -1.78 -11.86 -21.20
C LYS A 397 -2.91 -12.42 -20.28
N HIS A 398 -3.26 -11.66 -19.21
CA HIS A 398 -4.28 -12.00 -18.22
C HIS A 398 -5.65 -11.45 -18.62
N SER A 399 -6.24 -12.13 -19.65
CA SER A 399 -7.54 -11.95 -20.35
C SER A 399 -7.44 -12.30 -21.85
N PHE B 27 -15.83 -5.93 36.96
CA PHE B 27 -16.53 -4.79 36.35
C PHE B 27 -16.41 -3.50 37.23
N PHE B 28 -15.27 -3.37 37.95
CA PHE B 28 -14.94 -2.22 38.81
C PHE B 28 -13.43 -1.90 38.72
N LEU B 29 -12.63 -2.90 38.26
CA LEU B 29 -11.18 -2.83 38.10
C LEU B 29 -10.84 -2.07 36.83
N TYR B 30 -11.78 -2.04 35.89
CA TYR B 30 -11.64 -1.37 34.60
C TYR B 30 -11.63 0.14 34.73
N ASP B 31 -12.39 0.67 35.70
CA ASP B 31 -12.42 2.12 35.93
C ASP B 31 -11.20 2.62 36.70
N ILE B 32 -10.43 1.71 37.30
CA ILE B 32 -9.18 2.06 37.98
C ILE B 32 -8.10 2.06 36.90
N PHE B 33 -8.18 1.09 35.97
CA PHE B 33 -7.29 0.91 34.82
C PHE B 33 -7.40 2.08 33.85
N LEU B 34 -8.63 2.44 33.44
CA LEU B 34 -8.94 3.55 32.54
C LEU B 34 -8.40 4.89 33.09
N LYS B 35 -8.56 5.14 34.40
CA LYS B 35 -8.12 6.36 35.09
C LYS B 35 -6.61 6.49 35.13
N PHE B 36 -5.90 5.36 35.13
CA PHE B 36 -4.44 5.30 35.11
C PHE B 36 -3.95 5.52 33.67
N CYS B 37 -4.64 4.88 32.71
CA CYS B 37 -4.33 4.98 31.31
C CYS B 37 -4.52 6.38 30.79
N LEU B 38 -5.64 7.03 31.18
CA LEU B 38 -5.97 8.41 30.76
C LEU B 38 -5.00 9.45 31.28
N LYS B 39 -4.27 9.11 32.36
CA LYS B 39 -3.29 9.98 33.00
C LYS B 39 -1.85 9.84 32.51
N TYR B 40 -1.29 8.62 32.58
CA TYR B 40 0.12 8.37 32.27
C TYR B 40 0.45 7.72 30.92
N ILE B 41 -0.48 6.93 30.35
CA ILE B 41 -0.22 6.17 29.14
C ILE B 41 -0.58 6.91 27.85
N ASP B 42 0.21 6.70 26.78
CA ASP B 42 0.05 7.25 25.43
C ASP B 42 -1.23 6.72 24.79
N GLY B 43 -1.80 7.50 23.88
CA GLY B 43 -3.02 7.16 23.14
C GLY B 43 -2.97 5.84 22.40
N GLU B 44 -2.00 5.67 21.49
CA GLU B 44 -1.89 4.45 20.69
C GLU B 44 -1.48 3.23 21.53
N ILE B 45 -0.75 3.42 22.65
CA ILE B 45 -0.40 2.31 23.54
C ILE B 45 -1.70 1.72 24.16
N CYS B 46 -2.67 2.60 24.50
CA CYS B 46 -3.99 2.24 25.03
C CYS B 46 -4.76 1.47 23.96
N HIS B 47 -4.69 1.98 22.72
CA HIS B 47 -5.31 1.41 21.54
C HIS B 47 -4.77 -0.01 21.25
N ASP B 48 -3.44 -0.18 21.31
CA ASP B 48 -2.77 -1.48 21.09
C ASP B 48 -2.94 -2.41 22.30
N LEU B 49 -3.20 -1.82 23.51
CA LEU B 49 -3.42 -2.54 24.76
C LEU B 49 -4.81 -3.14 24.84
N PHE B 50 -5.84 -2.33 24.50
CA PHE B 50 -7.25 -2.71 24.48
C PHE B 50 -7.47 -3.87 23.52
N LEU B 51 -6.91 -3.76 22.31
CA LEU B 51 -7.01 -4.78 21.27
C LEU B 51 -6.30 -6.09 21.63
N LEU B 52 -5.27 -6.02 22.48
CA LEU B 52 -4.55 -7.21 22.94
C LEU B 52 -5.39 -7.97 23.97
N LEU B 53 -6.12 -7.24 24.85
CA LEU B 53 -6.99 -7.84 25.87
C LEU B 53 -8.15 -8.60 25.21
N GLY B 54 -8.71 -8.03 24.15
CA GLY B 54 -9.77 -8.65 23.37
C GLY B 54 -9.28 -9.78 22.49
N LYS B 55 -8.00 -9.71 22.05
CA LYS B 55 -7.34 -10.71 21.19
C LYS B 55 -7.29 -12.04 21.92
N TYR B 56 -6.95 -12.02 23.23
CA TYR B 56 -6.90 -13.19 24.11
C TYR B 56 -8.25 -13.42 24.82
N ASN B 57 -9.25 -12.62 24.44
CA ASN B 57 -10.63 -12.62 24.91
C ASN B 57 -10.72 -12.56 26.44
N ILE B 58 -10.09 -11.52 27.03
CA ILE B 58 -10.13 -11.30 28.48
C ILE B 58 -10.82 -9.94 28.79
N LEU B 59 -11.65 -9.46 27.84
CA LEU B 59 -12.48 -8.25 27.99
C LEU B 59 -13.82 -8.69 28.62
N PRO B 60 -14.52 -7.81 29.38
CA PRO B 60 -15.83 -8.22 29.96
C PRO B 60 -16.93 -8.46 28.94
N TYR B 61 -17.98 -9.16 29.38
CA TYR B 61 -19.15 -9.53 28.58
C TYR B 61 -20.36 -8.69 29.02
N ASP B 62 -21.42 -8.73 28.21
CA ASP B 62 -22.74 -8.14 28.43
C ASP B 62 -23.72 -9.06 27.70
N THR B 63 -24.12 -10.14 28.40
CA THR B 63 -25.05 -11.16 27.90
C THR B 63 -26.50 -10.80 28.31
N SER B 64 -26.66 -9.65 29.00
CA SER B 64 -27.92 -9.08 29.46
C SER B 64 -28.75 -8.61 28.27
N ASN B 65 -29.98 -9.14 28.15
CA ASN B 65 -30.93 -8.88 27.06
C ASN B 65 -31.30 -7.41 26.93
N ASP B 66 -31.30 -6.90 25.69
CA ASP B 66 -31.60 -5.52 25.31
C ASP B 66 -33.09 -5.26 25.11
N SER B 67 -33.53 -4.02 25.39
CA SER B 67 -34.92 -3.56 25.27
C SER B 67 -35.42 -3.67 23.83
N ILE B 68 -36.66 -4.16 23.65
CA ILE B 68 -37.29 -4.31 22.33
C ILE B 68 -37.79 -2.97 21.80
N TYR B 69 -37.94 -1.99 22.71
CA TYR B 69 -38.38 -0.64 22.38
C TYR B 69 -37.18 0.20 21.91
N ALA B 70 -35.95 -0.27 22.20
CA ALA B 70 -34.70 0.40 21.81
C ALA B 70 -34.18 -0.11 20.46
N CYS B 71 -34.96 -1.00 19.79
CA CYS B 71 -34.67 -1.57 18.48
C CYS B 71 -34.68 -0.52 17.40
N THR B 72 -33.87 -0.73 16.36
CA THR B 72 -33.82 0.16 15.20
C THR B 72 -33.45 -0.64 13.95
N ASN B 73 -33.56 0.00 12.76
CA ASN B 73 -33.24 -0.60 11.47
C ASN B 73 -32.93 0.40 10.35
N ILE B 74 -32.15 -0.07 9.36
CA ILE B 74 -31.86 0.63 8.11
C ILE B 74 -32.17 -0.39 7.01
N LYS B 75 -33.41 -0.38 6.49
CA LYS B 75 -33.90 -1.33 5.49
C LYS B 75 -33.92 -2.72 6.14
N HIS B 76 -33.38 -3.76 5.46
CA HIS B 76 -33.33 -5.11 6.01
C HIS B 76 -32.37 -5.25 7.24
N LEU B 77 -31.46 -4.27 7.45
CA LEU B 77 -30.47 -4.23 8.53
C LEU B 77 -31.17 -4.02 9.87
N ASP B 78 -31.36 -5.11 10.65
CA ASP B 78 -32.06 -5.08 11.94
C ASP B 78 -31.09 -5.18 13.14
N PHE B 79 -30.87 -4.02 13.80
CA PHE B 79 -29.99 -3.81 14.95
C PHE B 79 -30.73 -4.14 16.24
N ILE B 80 -30.12 -4.96 17.11
CA ILE B 80 -30.64 -5.37 18.43
C ILE B 80 -30.82 -4.15 19.39
N ASN B 81 -29.90 -3.17 19.29
CA ASN B 81 -29.90 -1.92 20.05
C ASN B 81 -29.37 -0.82 19.11
N PRO B 82 -29.50 0.50 19.41
CA PRO B 82 -29.04 1.51 18.44
C PRO B 82 -27.56 1.90 18.57
N PHE B 83 -26.75 1.12 19.30
CA PHE B 83 -25.35 1.48 19.51
C PHE B 83 -24.35 0.50 18.92
N GLY B 84 -23.45 1.05 18.14
CA GLY B 84 -22.36 0.34 17.50
C GLY B 84 -21.06 1.10 17.66
N VAL B 85 -19.98 0.48 17.21
CA VAL B 85 -18.62 1.02 17.29
C VAL B 85 -18.23 1.62 15.94
N ALA B 86 -17.75 2.88 15.96
CA ALA B 86 -17.34 3.61 14.77
C ALA B 86 -16.10 2.95 14.12
N ALA B 87 -15.80 3.33 12.85
CA ALA B 87 -14.64 2.81 12.13
C ALA B 87 -13.37 3.43 12.73
N GLY B 88 -12.26 2.69 12.68
CA GLY B 88 -10.99 3.16 13.23
C GLY B 88 -10.65 2.61 14.60
N PHE B 89 -11.60 1.97 15.24
CA PHE B 89 -11.42 1.36 16.55
C PHE B 89 -10.73 0.02 16.31
N ASP B 90 -11.42 -0.89 15.59
CA ASP B 90 -10.87 -2.18 15.19
C ASP B 90 -10.57 -2.15 13.70
N LYS B 91 -9.56 -1.35 13.34
CA LYS B 91 -9.09 -1.14 11.98
C LYS B 91 -8.91 -2.45 11.19
N ASN B 92 -8.43 -3.50 11.88
CA ASN B 92 -8.13 -4.77 11.24
C ASN B 92 -9.09 -5.92 11.52
N GLY B 93 -10.10 -5.71 12.37
CA GLY B 93 -11.06 -6.76 12.69
C GLY B 93 -10.46 -7.96 13.42
N VAL B 94 -9.61 -7.69 14.44
CA VAL B 94 -8.93 -8.67 15.28
C VAL B 94 -9.65 -8.91 16.63
N CYS B 95 -10.68 -8.08 16.90
CA CYS B 95 -11.45 -8.03 18.14
C CYS B 95 -12.96 -7.99 17.95
N ILE B 96 -13.49 -8.25 16.73
CA ILE B 96 -14.91 -8.14 16.38
C ILE B 96 -15.85 -8.74 17.49
N ASP B 97 -15.66 -10.04 17.84
CA ASP B 97 -16.47 -10.75 18.85
C ASP B 97 -16.37 -10.11 20.23
N SER B 98 -15.14 -9.79 20.65
CA SER B 98 -14.81 -9.20 21.95
C SER B 98 -15.49 -7.86 22.15
N ILE B 99 -15.33 -6.93 21.18
CA ILE B 99 -15.94 -5.59 21.20
C ILE B 99 -17.47 -5.69 21.15
N LEU B 100 -18.05 -6.57 20.31
CA LEU B 100 -19.51 -6.75 20.23
C LEU B 100 -20.09 -7.16 21.59
N LYS B 101 -19.48 -8.19 22.24
CA LYS B 101 -19.85 -8.75 23.55
C LYS B 101 -19.90 -7.70 24.68
N LEU B 102 -19.33 -6.50 24.49
CA LEU B 102 -19.40 -5.41 25.46
C LEU B 102 -20.81 -4.74 25.48
N GLY B 103 -21.68 -5.13 24.54
CA GLY B 103 -23.06 -4.65 24.47
C GLY B 103 -23.43 -3.84 23.24
N PHE B 104 -22.64 -3.92 22.17
CA PHE B 104 -22.92 -3.18 20.94
C PHE B 104 -23.64 -4.04 19.93
N SER B 105 -24.52 -3.43 19.12
CA SER B 105 -25.31 -4.13 18.10
C SER B 105 -24.54 -4.37 16.82
N PHE B 106 -23.54 -3.49 16.53
CA PHE B 106 -22.70 -3.57 15.33
C PHE B 106 -21.33 -2.95 15.49
N ILE B 107 -20.45 -3.20 14.51
CA ILE B 107 -19.10 -2.66 14.43
C ILE B 107 -18.78 -2.40 12.97
N GLU B 108 -18.06 -1.30 12.72
CA GLU B 108 -17.60 -0.91 11.41
C GLU B 108 -16.09 -1.17 11.45
N ILE B 109 -15.63 -2.23 10.76
CA ILE B 109 -14.20 -2.55 10.71
C ILE B 109 -13.53 -1.65 9.64
N GLY B 110 -12.23 -1.46 9.77
CA GLY B 110 -11.51 -0.56 8.87
C GLY B 110 -11.32 0.82 9.45
N THR B 111 -11.06 1.86 8.64
CA THR B 111 -10.97 1.86 7.17
C THR B 111 -9.81 0.98 6.68
N ILE B 112 -10.09 0.23 5.60
CA ILE B 112 -9.17 -0.67 4.92
C ILE B 112 -8.87 -0.18 3.50
N THR B 113 -7.66 -0.44 3.05
CA THR B 113 -7.12 -0.08 1.75
C THR B 113 -6.63 -1.38 1.06
N PRO B 114 -6.55 -1.45 -0.29
CA PRO B 114 -6.06 -2.69 -0.95
C PRO B 114 -4.75 -3.28 -0.42
N ARG B 115 -3.76 -2.43 -0.22
CA ARG B 115 -2.46 -2.82 0.35
C ARG B 115 -2.39 -2.21 1.74
N GLY B 116 -1.69 -2.88 2.64
CA GLY B 116 -1.51 -2.40 4.00
C GLY B 116 -0.66 -1.16 4.06
N GLN B 117 -0.89 -0.30 5.05
CA GLN B 117 -0.10 0.92 5.21
C GLN B 117 0.31 1.06 6.65
N THR B 118 1.55 1.59 6.89
CA THR B 118 2.05 1.84 8.24
C THR B 118 1.29 3.04 8.79
N GLY B 119 0.87 3.93 7.89
CA GLY B 119 0.19 5.17 8.22
C GLY B 119 1.20 6.27 8.47
N ASN B 120 0.75 7.44 8.97
CA ASN B 120 1.61 8.60 9.26
C ASN B 120 2.49 8.38 10.50
N ALA B 121 3.44 9.31 10.75
CA ALA B 121 4.41 9.25 11.84
C ALA B 121 3.79 9.31 13.24
N LYS B 122 4.37 8.55 14.18
CA LYS B 122 3.96 8.46 15.60
C LYS B 122 4.77 9.48 16.48
N PRO B 123 4.20 10.04 17.59
CA PRO B 123 2.81 9.89 18.10
C PRO B 123 1.81 10.54 17.16
N ARG B 124 0.58 10.00 17.10
CA ARG B 124 -0.43 10.49 16.18
C ARG B 124 -1.88 10.42 16.76
N ILE B 125 -2.01 10.14 18.06
CA ILE B 125 -3.27 10.11 18.79
C ILE B 125 -2.98 10.83 20.11
N PHE B 126 -3.80 11.84 20.42
CA PHE B 126 -3.65 12.68 21.62
C PHE B 126 -5.02 12.97 22.21
N ARG B 127 -5.13 13.10 23.53
CA ARG B 127 -6.39 13.36 24.19
C ARG B 127 -6.33 14.57 25.09
N ASP B 128 -7.48 15.24 25.22
CA ASP B 128 -7.71 16.31 26.18
C ASP B 128 -8.91 15.86 26.99
N VAL B 129 -8.65 15.40 28.23
CA VAL B 129 -9.67 14.87 29.15
C VAL B 129 -10.66 15.97 29.56
N GLU B 130 -10.14 17.19 29.81
CA GLU B 130 -10.86 18.39 30.21
C GLU B 130 -12.10 18.65 29.32
N SER B 131 -11.95 18.54 28.00
CA SER B 131 -13.01 18.76 27.01
C SER B 131 -13.57 17.46 26.44
N ARG B 132 -12.96 16.29 26.78
CA ARG B 132 -13.32 14.94 26.30
C ARG B 132 -13.14 14.86 24.78
N SER B 133 -11.98 15.31 24.30
CA SER B 133 -11.68 15.34 22.87
C SER B 133 -10.40 14.62 22.51
N ILE B 134 -10.28 14.23 21.23
CA ILE B 134 -9.15 13.50 20.64
C ILE B 134 -8.76 14.17 19.32
N ILE B 135 -7.46 14.16 18.99
CA ILE B 135 -6.94 14.63 17.70
C ILE B 135 -6.12 13.49 17.11
N ASN B 136 -6.29 13.17 15.80
CA ASN B 136 -5.52 12.08 15.20
C ASN B 136 -5.10 12.32 13.77
N SER B 137 -3.89 11.84 13.42
CA SER B 137 -3.31 11.86 12.09
C SER B 137 -2.74 10.47 11.82
N CYS B 138 -3.63 9.48 11.83
CA CYS B 138 -3.29 8.06 11.64
C CYS B 138 -2.83 7.71 10.21
N GLY B 139 -3.53 8.23 9.19
CA GLY B 139 -3.23 8.03 7.77
C GLY B 139 -3.49 6.64 7.23
N PHE B 140 -4.66 6.06 7.57
CA PHE B 140 -5.13 4.72 7.19
C PHE B 140 -4.10 3.63 7.48
N ASN B 141 -3.71 3.49 8.76
CA ASN B 141 -2.81 2.44 9.17
C ASN B 141 -3.63 1.13 9.23
N ASN B 142 -3.35 0.16 8.32
CA ASN B 142 -4.09 -1.12 8.31
C ASN B 142 -3.21 -2.26 7.81
N MET B 143 -3.68 -3.52 7.93
CA MET B 143 -2.91 -4.70 7.49
C MET B 143 -3.22 -5.03 6.03
N GLY B 144 -4.04 -4.19 5.41
CA GLY B 144 -4.44 -4.39 4.05
C GLY B 144 -5.72 -5.16 3.98
N CYS B 145 -6.37 -5.04 2.85
CA CYS B 145 -7.64 -5.65 2.52
C CYS B 145 -7.67 -7.17 2.64
N ASP B 146 -6.61 -7.82 2.16
CA ASP B 146 -6.43 -9.26 2.13
C ASP B 146 -6.25 -9.88 3.54
N LYS B 147 -5.51 -9.20 4.41
CA LYS B 147 -5.28 -9.65 5.79
C LYS B 147 -6.52 -9.42 6.65
N VAL B 148 -7.21 -8.29 6.44
CA VAL B 148 -8.45 -7.97 7.14
C VAL B 148 -9.57 -8.94 6.74
N THR B 149 -9.65 -9.31 5.43
CA THR B 149 -10.58 -10.31 4.90
C THR B 149 -10.40 -11.63 5.62
N GLU B 150 -9.12 -12.05 5.81
CA GLU B 150 -8.72 -13.26 6.53
C GLU B 150 -9.34 -13.29 7.94
N ASN B 151 -9.32 -12.14 8.63
CA ASN B 151 -9.87 -11.98 9.97
C ASN B 151 -11.39 -11.94 10.01
N LEU B 152 -12.02 -11.37 8.98
CA LEU B 152 -13.47 -11.29 8.92
C LEU B 152 -14.06 -12.66 8.63
N ILE B 153 -13.38 -13.47 7.77
CA ILE B 153 -13.79 -14.83 7.43
C ILE B 153 -13.74 -15.68 8.71
N LEU B 154 -12.72 -15.43 9.56
CA LEU B 154 -12.57 -16.14 10.82
C LEU B 154 -13.76 -15.86 11.72
N PHE B 155 -14.15 -14.56 11.85
CA PHE B 155 -15.29 -14.17 12.66
C PHE B 155 -16.61 -14.78 12.15
N ARG B 156 -16.85 -14.69 10.81
CA ARG B 156 -18.06 -15.23 10.18
C ARG B 156 -18.19 -16.70 10.39
N LYS B 157 -17.05 -17.40 10.48
CA LYS B 157 -16.98 -18.83 10.77
C LYS B 157 -17.35 -19.11 12.24
N ARG B 158 -16.84 -18.29 13.19
CA ARG B 158 -17.15 -18.35 14.62
C ARG B 158 -18.65 -18.09 14.84
N GLN B 159 -19.20 -17.11 14.08
CA GLN B 159 -20.59 -16.66 14.07
C GLN B 159 -21.57 -17.79 13.74
N GLU B 160 -21.20 -18.71 12.82
CA GLU B 160 -22.06 -19.86 12.46
C GLU B 160 -22.23 -20.76 13.68
N GLU B 161 -21.10 -21.05 14.38
CA GLU B 161 -20.97 -21.89 15.57
C GLU B 161 -21.57 -21.22 16.83
N ASP B 162 -21.82 -19.88 16.80
CA ASP B 162 -22.34 -19.13 17.95
C ASP B 162 -23.75 -18.56 17.73
N LYS B 163 -24.67 -18.88 18.65
CA LYS B 163 -26.06 -18.40 18.64
C LYS B 163 -26.08 -16.93 19.04
N LEU B 164 -25.12 -16.53 19.89
CA LEU B 164 -24.94 -15.20 20.44
C LEU B 164 -24.77 -14.12 19.38
N LEU B 165 -23.76 -14.27 18.52
CA LEU B 165 -23.42 -13.27 17.51
C LEU B 165 -24.21 -13.42 16.20
N SER B 166 -25.29 -14.24 16.22
CA SER B 166 -26.16 -14.47 15.06
C SER B 166 -26.85 -13.21 14.53
N LYS B 167 -27.14 -12.25 15.42
CA LYS B 167 -27.86 -11.03 15.07
C LYS B 167 -26.98 -9.78 14.96
N HIS B 168 -25.72 -9.85 15.40
CA HIS B 168 -24.81 -8.69 15.35
C HIS B 168 -24.32 -8.36 13.94
N ILE B 169 -24.48 -7.09 13.54
CA ILE B 169 -24.11 -6.56 12.22
C ILE B 169 -22.61 -6.20 12.18
N VAL B 170 -21.90 -6.52 11.06
CA VAL B 170 -20.48 -6.15 10.88
C VAL B 170 -20.30 -5.47 9.52
N GLY B 171 -20.01 -4.16 9.53
CA GLY B 171 -19.76 -3.39 8.32
C GLY B 171 -18.29 -3.19 8.05
N VAL B 172 -17.93 -2.83 6.80
CA VAL B 172 -16.52 -2.58 6.43
C VAL B 172 -16.41 -1.17 5.83
N SER B 173 -15.39 -0.40 6.29
CA SER B 173 -15.07 0.95 5.80
C SER B 173 -13.91 0.82 4.81
N ILE B 174 -14.13 1.26 3.57
CA ILE B 174 -13.14 1.15 2.49
C ILE B 174 -12.67 2.53 2.01
N GLY B 175 -11.38 2.59 1.76
CA GLY B 175 -10.71 3.79 1.32
C GLY B 175 -9.66 3.50 0.27
N LYS B 176 -8.66 4.36 0.20
CA LYS B 176 -7.62 4.18 -0.80
C LYS B 176 -6.22 4.34 -0.24
N ASN B 177 -5.28 3.66 -0.89
CA ASN B 177 -3.89 3.80 -0.53
C ASN B 177 -3.46 5.24 -0.89
N LYS B 178 -2.60 5.86 -0.06
CA LYS B 178 -2.10 7.24 -0.24
C LYS B 178 -1.73 7.58 -1.70
N ASP B 179 -0.94 6.70 -2.36
CA ASP B 179 -0.45 6.85 -3.74
C ASP B 179 -1.46 6.51 -4.84
N THR B 180 -2.66 6.03 -4.49
CA THR B 180 -3.67 5.70 -5.49
C THR B 180 -4.19 6.97 -6.16
N VAL B 181 -3.86 7.09 -7.44
CA VAL B 181 -4.22 8.20 -8.31
C VAL B 181 -5.70 8.27 -8.66
N ASN B 182 -6.42 7.13 -8.63
CA ASN B 182 -7.86 7.01 -8.91
C ASN B 182 -8.49 6.07 -7.88
N ILE B 183 -9.24 6.63 -6.92
CA ILE B 183 -9.90 5.95 -5.81
C ILE B 183 -10.76 4.70 -6.21
N VAL B 184 -11.58 4.83 -7.27
CA VAL B 184 -12.55 3.81 -7.73
C VAL B 184 -11.89 2.45 -7.93
N ASP B 185 -10.67 2.43 -8.51
CA ASP B 185 -9.86 1.24 -8.71
C ASP B 185 -9.67 0.51 -7.34
N ASP B 186 -9.32 1.30 -6.30
CA ASP B 186 -9.05 0.83 -4.94
C ASP B 186 -10.30 0.32 -4.20
N LEU B 187 -11.49 0.84 -4.55
CA LEU B 187 -12.74 0.42 -3.92
C LEU B 187 -13.26 -0.80 -4.61
N LYS B 188 -13.12 -0.88 -5.96
CA LYS B 188 -13.52 -2.06 -6.76
C LYS B 188 -12.79 -3.29 -6.24
N TYR B 189 -11.48 -3.15 -5.89
CA TYR B 189 -10.62 -4.22 -5.34
C TYR B 189 -11.15 -4.74 -3.99
N CYS B 190 -11.47 -3.83 -3.07
CA CYS B 190 -11.96 -4.13 -1.73
C CYS B 190 -13.26 -4.87 -1.76
N ILE B 191 -14.22 -4.35 -2.53
CA ILE B 191 -15.55 -4.94 -2.72
C ILE B 191 -15.39 -6.37 -3.24
N ASN B 192 -14.56 -6.59 -4.28
CA ASN B 192 -14.36 -7.92 -4.85
C ASN B 192 -13.75 -8.92 -3.84
N LYS B 193 -12.93 -8.42 -2.89
CA LYS B 193 -12.29 -9.22 -1.84
C LYS B 193 -13.17 -9.45 -0.60
N ILE B 194 -13.66 -8.36 0.03
CA ILE B 194 -14.39 -8.39 1.30
C ILE B 194 -15.91 -8.21 1.21
N GLY B 195 -16.47 -7.80 0.07
CA GLY B 195 -17.91 -7.58 -0.08
C GLY B 195 -18.79 -8.70 0.44
N ARG B 196 -18.47 -9.96 0.05
CA ARG B 196 -19.10 -11.23 0.44
C ARG B 196 -19.37 -11.39 1.94
N TYR B 197 -18.54 -10.78 2.79
CA TYR B 197 -18.58 -10.94 4.24
C TYR B 197 -19.00 -9.70 5.03
N ALA B 198 -19.57 -8.70 4.34
CA ALA B 198 -20.03 -7.46 4.96
C ALA B 198 -21.53 -7.28 4.82
N ASP B 199 -22.16 -6.82 5.92
CA ASP B 199 -23.57 -6.50 5.99
C ASP B 199 -23.83 -5.13 5.35
N TYR B 200 -22.79 -4.31 5.29
CA TYR B 200 -22.77 -3.01 4.64
C TYR B 200 -21.34 -2.56 4.39
N ILE B 201 -21.19 -1.70 3.38
CA ILE B 201 -19.95 -1.10 2.95
C ILE B 201 -20.08 0.38 3.21
N ALA B 202 -19.02 0.97 3.79
CA ALA B 202 -18.97 2.40 4.10
C ALA B 202 -17.89 2.99 3.22
N ILE B 203 -18.27 3.89 2.30
CA ILE B 203 -17.29 4.52 1.43
C ILE B 203 -16.65 5.67 2.19
N ASN B 204 -15.35 5.54 2.48
CA ASN B 204 -14.65 6.60 3.20
C ASN B 204 -14.06 7.64 2.27
N VAL B 205 -14.80 8.74 2.07
CA VAL B 205 -14.34 9.90 1.27
C VAL B 205 -14.21 11.16 2.17
N SER B 206 -14.14 10.96 3.51
CA SER B 206 -14.19 12.02 4.50
C SER B 206 -12.97 12.18 5.43
N SER B 207 -11.93 11.32 5.28
CA SER B 207 -10.73 11.40 6.11
C SER B 207 -9.90 12.68 5.91
N PRO B 208 -9.45 13.34 6.98
CA PRO B 208 -8.60 14.54 6.80
C PRO B 208 -7.10 14.22 6.87
N ASN B 209 -6.72 12.93 7.09
CA ASN B 209 -5.33 12.51 7.27
C ASN B 209 -4.72 11.71 6.10
N THR B 210 -5.40 11.76 4.95
CA THR B 210 -4.93 11.11 3.72
C THR B 210 -5.30 12.10 2.60
N PRO B 211 -4.28 12.87 2.09
CA PRO B 211 -4.57 13.90 1.06
C PRO B 211 -4.82 13.34 -0.36
N GLY B 212 -5.84 13.81 -1.08
CA GLY B 212 -6.88 14.77 -0.67
C GLY B 212 -8.21 14.10 -0.95
N LEU B 213 -8.51 13.08 -0.13
CA LEU B 213 -9.68 12.23 -0.20
C LEU B 213 -11.01 12.97 -0.15
N ARG B 214 -11.03 14.10 0.56
CA ARG B 214 -12.20 14.97 0.75
C ARG B 214 -12.64 15.63 -0.54
N ASP B 215 -11.73 15.80 -1.51
CA ASP B 215 -11.99 16.38 -2.84
C ASP B 215 -12.96 15.49 -3.62
N ASN B 216 -13.17 14.24 -3.13
CA ASN B 216 -14.07 13.27 -3.72
C ASN B 216 -15.50 13.50 -3.27
N GLN B 217 -15.71 14.48 -2.38
CA GLN B 217 -17.05 14.83 -1.93
C GLN B 217 -17.77 15.74 -2.95
N GLU B 218 -17.09 16.17 -4.05
CA GLU B 218 -17.74 17.00 -5.08
C GLU B 218 -18.75 16.12 -5.83
N ALA B 219 -19.95 16.70 -6.13
CA ALA B 219 -21.10 16.04 -6.77
C ALA B 219 -20.74 15.06 -7.90
N GLY B 220 -19.96 15.54 -8.87
CA GLY B 220 -19.52 14.76 -10.03
C GLY B 220 -18.72 13.52 -9.67
N LYS B 221 -17.66 13.74 -8.88
CA LYS B 221 -16.72 12.73 -8.39
C LYS B 221 -17.43 11.73 -7.52
N LEU B 222 -18.25 12.20 -6.55
CA LEU B 222 -19.02 11.36 -5.64
C LEU B 222 -20.06 10.48 -6.34
N LYS B 223 -20.81 11.02 -7.32
CA LYS B 223 -21.82 10.27 -8.06
C LYS B 223 -21.17 9.08 -8.76
N ASN B 224 -20.00 9.31 -9.42
CA ASN B 224 -19.24 8.26 -10.12
C ASN B 224 -18.74 7.20 -9.14
N ILE B 225 -18.27 7.62 -7.94
CA ILE B 225 -17.81 6.72 -6.89
C ILE B 225 -18.95 5.79 -6.43
N ILE B 226 -20.08 6.38 -6.03
CA ILE B 226 -21.26 5.68 -5.52
C ILE B 226 -21.83 4.68 -6.54
N LEU B 227 -21.95 5.08 -7.81
CA LEU B 227 -22.48 4.19 -8.85
C LEU B 227 -21.52 3.08 -9.23
N SER B 228 -20.19 3.37 -9.19
CA SER B 228 -19.15 2.38 -9.46
C SER B 228 -19.15 1.30 -8.37
N VAL B 229 -19.22 1.73 -7.09
CA VAL B 229 -19.25 0.82 -5.93
C VAL B 229 -20.49 -0.10 -5.99
N LYS B 230 -21.69 0.49 -6.14
CA LYS B 230 -22.95 -0.22 -6.24
C LYS B 230 -22.95 -1.21 -7.40
N GLU B 231 -22.28 -0.86 -8.53
CA GLU B 231 -22.14 -1.68 -9.73
C GLU B 231 -21.23 -2.88 -9.47
N GLU B 232 -20.10 -2.73 -8.75
CA GLU B 232 -19.25 -3.89 -8.40
C GLU B 232 -19.95 -4.85 -7.45
N ILE B 233 -20.77 -4.31 -6.49
CA ILE B 233 -21.56 -5.14 -5.58
C ILE B 233 -22.54 -6.01 -6.39
N ASP B 234 -23.12 -5.47 -7.49
CA ASP B 234 -24.07 -6.19 -8.38
C ASP B 234 -23.36 -7.19 -9.30
N ASN B 235 -22.15 -6.84 -9.80
CA ASN B 235 -21.31 -7.71 -10.62
C ASN B 235 -20.78 -8.87 -9.78
N LEU B 236 -20.72 -8.72 -8.42
CA LEU B 236 -20.29 -9.75 -7.47
C LEU B 236 -21.37 -10.84 -7.50
N GLU B 237 -22.64 -10.40 -7.37
CA GLU B 237 -23.85 -11.19 -7.37
C GLU B 237 -24.01 -11.96 -8.70
N LYS B 238 -23.92 -11.26 -9.86
CA LYS B 238 -24.06 -11.81 -11.22
C LYS B 238 -23.03 -12.89 -11.55
N ASN B 239 -21.74 -12.61 -11.27
CA ASN B 239 -20.62 -13.53 -11.51
C ASN B 239 -20.67 -14.80 -10.63
N ASN B 240 -21.41 -14.75 -9.50
CA ASN B 240 -21.51 -15.87 -8.55
C ASN B 240 -22.95 -16.15 -8.12
N PHE B 246 -25.16 -19.19 -0.52
CA PHE B 246 -23.71 -19.32 -0.57
C PHE B 246 -23.02 -17.98 -0.38
N LEU B 247 -23.14 -17.14 -1.44
CA LEU B 247 -22.45 -15.89 -1.67
C LEU B 247 -22.38 -14.98 -0.47
N TRP B 248 -23.54 -14.61 0.07
CA TRP B 248 -23.58 -13.69 1.19
C TRP B 248 -23.32 -14.42 2.51
N PHE B 249 -22.03 -14.39 2.95
CA PHE B 249 -21.54 -14.98 4.20
C PHE B 249 -21.40 -13.87 5.21
N ASN B 250 -22.55 -13.22 5.48
CA ASN B 250 -22.76 -12.12 6.41
C ASN B 250 -23.95 -12.41 7.36
N THR B 251 -24.38 -11.41 8.17
CA THR B 251 -25.48 -11.54 9.14
C THR B 251 -26.83 -11.54 8.40
N THR B 252 -26.98 -10.62 7.44
CA THR B 252 -28.22 -10.45 6.67
C THR B 252 -28.48 -11.59 5.64
N LYS B 253 -27.44 -12.26 5.10
CA LYS B 253 -27.50 -13.25 4.02
C LYS B 253 -28.09 -12.56 2.77
N LYS B 254 -27.81 -11.26 2.65
CA LYS B 254 -28.26 -10.36 1.57
C LYS B 254 -27.07 -9.46 1.18
N LYS B 255 -27.07 -8.95 -0.08
CA LYS B 255 -26.00 -8.08 -0.60
C LYS B 255 -25.78 -6.88 0.36
N PRO B 256 -24.48 -6.48 0.62
CA PRO B 256 -24.23 -5.38 1.55
C PRO B 256 -24.91 -4.09 1.15
N LEU B 257 -25.34 -3.32 2.16
CA LEU B 257 -25.92 -2.02 1.90
C LEU B 257 -24.73 -1.10 1.65
N VAL B 258 -24.91 0.01 0.90
CA VAL B 258 -23.84 0.95 0.57
C VAL B 258 -24.09 2.27 1.25
N PHE B 259 -23.19 2.63 2.17
CA PHE B 259 -23.25 3.86 2.95
C PHE B 259 -22.07 4.76 2.59
N VAL B 260 -22.21 6.07 2.84
CA VAL B 260 -21.16 7.03 2.60
C VAL B 260 -20.86 7.80 3.89
N LYS B 261 -19.60 7.88 4.30
CA LYS B 261 -19.25 8.65 5.48
C LYS B 261 -18.82 10.03 5.03
N LEU B 262 -19.51 11.07 5.54
CA LEU B 262 -19.21 12.46 5.13
C LEU B 262 -18.50 13.28 6.21
N ALA B 263 -17.64 14.20 5.77
CA ALA B 263 -16.90 15.13 6.64
C ALA B 263 -17.82 16.30 7.03
N PRO B 264 -17.70 16.86 8.25
CA PRO B 264 -18.60 17.98 8.61
C PRO B 264 -18.19 19.31 8.02
N ASP B 265 -16.92 19.43 7.62
CA ASP B 265 -16.30 20.65 7.11
C ASP B 265 -16.70 20.97 5.64
N LEU B 266 -17.99 21.24 5.41
CA LEU B 266 -18.53 21.56 4.08
C LEU B 266 -19.38 22.83 4.16
N ASN B 267 -19.61 23.52 3.02
CA ASN B 267 -20.51 24.69 3.02
C ASN B 267 -21.94 24.23 2.67
N GLN B 268 -22.93 25.14 2.67
CA GLN B 268 -24.30 24.74 2.38
C GLN B 268 -24.50 24.30 0.93
N GLU B 269 -23.81 24.95 -0.05
CA GLU B 269 -23.90 24.59 -1.48
C GLU B 269 -23.42 23.15 -1.68
N GLN B 270 -22.28 22.79 -1.06
CA GLN B 270 -21.66 21.45 -1.13
C GLN B 270 -22.55 20.37 -0.56
N LYS B 271 -23.20 20.67 0.60
CA LYS B 271 -24.13 19.77 1.30
C LYS B 271 -25.40 19.51 0.45
N LYS B 272 -26.05 20.58 -0.11
CA LYS B 272 -27.24 20.45 -0.98
C LYS B 272 -26.90 19.69 -2.25
N GLU B 273 -25.71 19.99 -2.86
CA GLU B 273 -25.20 19.30 -4.05
C GLU B 273 -25.04 17.79 -3.80
N ILE B 274 -24.47 17.38 -2.63
CA ILE B 274 -24.32 15.99 -2.21
C ILE B 274 -25.73 15.35 -2.05
N ALA B 275 -26.62 16.00 -1.27
CA ALA B 275 -27.98 15.55 -1.02
C ALA B 275 -28.69 15.09 -2.30
N ASP B 276 -28.56 15.90 -3.38
CA ASP B 276 -29.18 15.63 -4.68
C ASP B 276 -28.60 14.39 -5.36
N VAL B 277 -27.30 14.07 -5.09
CA VAL B 277 -26.56 12.92 -5.60
C VAL B 277 -26.99 11.66 -4.84
N LEU B 278 -27.06 11.75 -3.50
CA LEU B 278 -27.51 10.63 -2.66
C LEU B 278 -28.93 10.22 -3.02
N LEU B 279 -29.76 11.17 -3.49
CA LEU B 279 -31.12 10.86 -3.92
C LEU B 279 -31.15 10.16 -5.30
N GLU B 280 -30.39 10.70 -6.27
CA GLU B 280 -30.32 10.14 -7.63
C GLU B 280 -29.68 8.73 -7.62
N THR B 281 -28.52 8.57 -6.94
CA THR B 281 -27.78 7.30 -6.88
C THR B 281 -28.44 6.19 -6.02
N ASN B 282 -29.38 6.58 -5.14
CA ASN B 282 -30.11 5.74 -4.19
C ASN B 282 -29.18 5.06 -3.19
N ILE B 283 -28.32 5.87 -2.55
CA ILE B 283 -27.43 5.42 -1.48
C ILE B 283 -28.32 4.91 -0.31
N ASP B 284 -27.87 3.89 0.40
CA ASP B 284 -28.66 3.26 1.45
C ASP B 284 -28.73 3.98 2.80
N GLY B 285 -27.71 4.79 3.09
CA GLY B 285 -27.59 5.54 4.33
C GLY B 285 -26.35 6.40 4.32
N MET B 286 -26.26 7.37 5.25
CA MET B 286 -25.12 8.29 5.33
C MET B 286 -24.63 8.41 6.76
N ILE B 287 -23.30 8.25 6.96
CA ILE B 287 -22.65 8.36 8.26
C ILE B 287 -22.19 9.83 8.47
N ILE B 288 -23.00 10.57 9.21
CA ILE B 288 -22.78 11.97 9.52
C ILE B 288 -22.28 12.07 10.98
N SER B 289 -20.99 12.36 11.21
CA SER B 289 -19.91 12.71 10.31
C SER B 289 -18.56 12.11 10.75
N ASN B 290 -17.50 12.48 10.04
CA ASN B 290 -16.14 12.08 10.35
C ASN B 290 -15.55 13.15 11.30
N THR B 291 -14.23 13.17 11.45
CA THR B 291 -13.56 14.14 12.32
C THR B 291 -13.55 15.53 11.68
N THR B 292 -13.29 16.58 12.49
CA THR B 292 -13.31 17.95 12.02
C THR B 292 -11.98 18.66 12.18
N THR B 293 -11.63 19.48 11.17
CA THR B 293 -10.40 20.30 11.13
C THR B 293 -10.72 21.78 11.33
N GLN B 294 -11.89 22.07 11.91
CA GLN B 294 -12.38 23.42 12.17
C GLN B 294 -12.06 23.91 13.58
N ILE B 295 -11.92 23.00 14.54
CA ILE B 295 -11.69 23.35 15.95
C ILE B 295 -10.25 23.87 16.20
N ASN B 296 -10.18 25.09 16.78
CA ASN B 296 -8.95 25.82 17.12
C ASN B 296 -9.01 26.27 18.61
N ASP B 297 -10.10 25.91 19.32
CA ASP B 297 -10.37 26.27 20.71
C ASP B 297 -9.83 25.25 21.75
N ILE B 298 -8.82 24.42 21.37
CA ILE B 298 -8.18 23.45 22.29
C ILE B 298 -6.67 23.75 22.43
N LYS B 299 -6.21 24.09 23.67
CA LYS B 299 -4.81 24.44 23.96
C LYS B 299 -3.83 23.29 23.70
N SER B 300 -4.11 22.08 24.22
CA SER B 300 -3.23 20.90 24.07
C SER B 300 -3.16 20.33 22.62
N PHE B 301 -3.95 20.90 21.67
CA PHE B 301 -3.96 20.49 20.26
C PHE B 301 -3.41 21.61 19.32
N GLU B 302 -2.99 22.79 19.86
CA GLU B 302 -2.53 23.96 19.09
C GLU B 302 -1.38 23.64 18.10
N ASN B 303 -0.34 22.89 18.55
CA ASN B 303 0.77 22.48 17.70
C ASN B 303 0.39 21.31 16.80
N LYS B 304 -0.47 20.39 17.32
CA LYS B 304 -0.93 19.14 16.72
C LYS B 304 -1.70 19.30 15.42
N LYS B 305 -1.57 18.27 14.56
CA LYS B 305 -2.25 18.17 13.27
C LYS B 305 -3.07 16.86 13.19
N GLY B 306 -4.30 16.97 12.67
CA GLY B 306 -5.24 15.88 12.49
C GLY B 306 -6.68 16.34 12.58
N GLY B 307 -7.60 15.39 12.70
CA GLY B 307 -9.02 15.64 12.84
C GLY B 307 -9.48 15.46 14.27
N VAL B 308 -10.31 16.38 14.76
CA VAL B 308 -10.82 16.41 16.13
C VAL B 308 -12.13 15.61 16.31
N SER B 309 -12.13 14.69 17.31
CA SER B 309 -13.26 13.82 17.73
C SER B 309 -13.72 14.17 19.15
N GLY B 310 -14.84 13.56 19.57
CA GLY B 310 -15.39 13.74 20.91
C GLY B 310 -16.35 14.88 21.10
N ALA B 311 -16.48 15.32 22.37
CA ALA B 311 -17.40 16.34 22.84
C ALA B 311 -17.36 17.65 22.08
N LYS B 312 -16.16 18.09 21.64
CA LYS B 312 -16.03 19.34 20.87
C LYS B 312 -16.62 19.22 19.44
N LEU B 313 -16.89 17.97 18.97
CA LEU B 313 -17.50 17.66 17.67
C LEU B 313 -19.02 17.44 17.76
N LYS B 314 -19.58 17.19 18.96
CA LYS B 314 -21.02 16.93 19.16
C LYS B 314 -21.97 17.95 18.51
N ASP B 315 -21.85 19.27 18.84
CA ASP B 315 -22.76 20.31 18.34
C ASP B 315 -22.76 20.46 16.81
N ILE B 316 -21.57 20.44 16.17
CA ILE B 316 -21.35 20.51 14.72
C ILE B 316 -22.15 19.38 14.04
N SER B 317 -21.87 18.12 14.44
CA SER B 317 -22.47 16.88 13.93
C SER B 317 -23.98 16.82 13.98
N THR B 318 -24.60 17.23 15.12
CA THR B 318 -26.05 17.23 15.30
C THR B 318 -26.69 18.26 14.34
N LYS B 319 -26.02 19.42 14.16
CA LYS B 319 -26.44 20.49 13.24
C LYS B 319 -26.33 19.96 11.79
N PHE B 320 -25.29 19.18 11.47
CA PHE B 320 -25.05 18.59 10.15
C PHE B 320 -26.09 17.49 9.82
N ILE B 321 -26.56 16.71 10.84
CA ILE B 321 -27.61 15.70 10.67
C ILE B 321 -28.92 16.40 10.27
N CYS B 322 -29.24 17.52 10.91
CA CYS B 322 -30.45 18.28 10.62
C CYS B 322 -30.47 18.73 9.18
N GLU B 323 -29.36 19.36 8.74
CA GLU B 323 -29.20 19.91 7.39
C GLU B 323 -29.39 18.82 6.34
N MET B 324 -28.68 17.69 6.49
CA MET B 324 -28.74 16.57 5.54
C MET B 324 -30.06 15.82 5.57
N TYR B 325 -30.68 15.66 6.75
CA TYR B 325 -32.01 15.02 6.91
C TYR B 325 -33.09 15.89 6.25
N ASN B 326 -32.88 17.21 6.20
CA ASN B 326 -33.82 18.12 5.55
C ASN B 326 -33.57 18.18 4.06
N TYR B 327 -32.27 18.18 3.64
CA TYR B 327 -31.82 18.25 2.25
C TYR B 327 -32.17 17.00 1.44
N THR B 328 -32.08 15.82 2.06
CA THR B 328 -32.41 14.54 1.43
C THR B 328 -33.89 14.21 1.66
N ASN B 329 -34.70 15.22 2.12
CA ASN B 329 -36.15 15.16 2.37
C ASN B 329 -36.58 13.86 3.11
N LYS B 330 -35.80 13.49 4.14
CA LYS B 330 -35.96 12.36 5.04
C LYS B 330 -35.83 10.98 4.33
N GLN B 331 -35.43 10.96 3.04
CA GLN B 331 -35.32 9.73 2.25
C GLN B 331 -34.08 8.87 2.49
N ILE B 332 -32.98 9.47 3.00
CA ILE B 332 -31.73 8.71 3.22
C ILE B 332 -31.52 8.50 4.72
N PRO B 333 -31.58 7.24 5.23
CA PRO B 333 -31.34 7.01 6.67
C PRO B 333 -29.95 7.50 7.10
N ILE B 334 -29.79 7.93 8.37
CA ILE B 334 -28.54 8.45 8.92
C ILE B 334 -28.02 7.59 10.07
N ILE B 335 -26.69 7.38 10.10
CA ILE B 335 -25.90 6.75 11.17
C ILE B 335 -25.12 7.96 11.82
N ALA B 336 -25.38 8.29 13.11
CA ALA B 336 -24.73 9.41 13.80
C ALA B 336 -23.39 9.01 14.46
N SER B 337 -22.45 9.98 14.52
CA SER B 337 -21.08 9.90 15.03
C SER B 337 -20.56 11.32 14.84
N GLY B 338 -20.13 12.04 15.87
CA GLY B 338 -20.02 11.62 17.25
C GLY B 338 -20.14 12.78 18.21
N GLY B 339 -19.58 12.58 19.39
CA GLY B 339 -19.70 13.43 20.56
C GLY B 339 -20.79 12.84 21.43
N ILE B 340 -21.12 11.54 21.22
CA ILE B 340 -22.13 10.76 21.93
C ILE B 340 -21.48 10.08 23.15
N PHE B 341 -21.86 10.52 24.38
CA PHE B 341 -21.35 9.99 25.66
C PHE B 341 -22.49 9.61 26.64
N SER B 342 -23.68 10.23 26.46
CA SER B 342 -24.85 9.99 27.30
C SER B 342 -26.10 9.62 26.47
N GLY B 343 -27.18 9.25 27.17
CA GLY B 343 -28.47 8.94 26.56
C GLY B 343 -29.13 10.15 25.94
N LEU B 344 -28.83 11.35 26.48
CA LEU B 344 -29.34 12.61 25.95
C LEU B 344 -28.66 12.89 24.62
N ASP B 345 -27.33 12.68 24.56
CA ASP B 345 -26.52 12.83 23.35
C ASP B 345 -27.08 11.93 22.26
N ALA B 346 -27.44 10.68 22.62
CA ALA B 346 -28.02 9.69 21.72
C ALA B 346 -29.39 10.15 21.22
N LEU B 347 -30.34 10.49 22.13
CA LEU B 347 -31.66 10.97 21.76
C LEU B 347 -31.62 12.27 20.92
N GLU B 348 -30.61 13.15 21.15
CA GLU B 348 -30.38 14.40 20.42
C GLU B 348 -30.13 14.08 18.95
N LYS B 349 -29.27 13.08 18.69
CA LYS B 349 -28.89 12.64 17.35
C LYS B 349 -30.09 12.01 16.63
N ILE B 350 -30.87 11.16 17.35
CA ILE B 350 -32.06 10.45 16.86
C ILE B 350 -33.18 11.42 16.50
N GLU B 351 -33.47 12.39 17.41
CA GLU B 351 -34.48 13.43 17.19
C GLU B 351 -34.12 14.34 16.02
N ALA B 352 -32.83 14.44 15.68
CA ALA B 352 -32.33 15.24 14.57
C ALA B 352 -32.46 14.54 13.21
N GLY B 353 -32.64 13.22 13.23
CA GLY B 353 -32.81 12.44 12.01
C GLY B 353 -32.08 11.11 11.90
N ALA B 354 -31.21 10.79 12.87
CA ALA B 354 -30.45 9.53 12.83
C ALA B 354 -31.23 8.27 13.32
N SER B 355 -30.97 7.10 12.70
CA SER B 355 -31.55 5.78 13.02
C SER B 355 -30.65 4.95 13.97
N VAL B 356 -29.32 5.06 13.82
CA VAL B 356 -28.32 4.37 14.65
C VAL B 356 -27.29 5.35 15.16
N CYS B 357 -26.50 4.92 16.16
CA CYS B 357 -25.43 5.71 16.74
C CYS B 357 -24.15 4.90 16.81
N GLN B 358 -23.07 5.48 16.33
CA GLN B 358 -21.75 4.90 16.40
C GLN B 358 -20.99 5.64 17.49
N LEU B 359 -20.18 4.90 18.27
CA LEU B 359 -19.40 5.49 19.36
C LEU B 359 -17.92 5.31 19.14
N TYR B 360 -17.11 6.30 19.58
CA TYR B 360 -15.66 6.17 19.51
C TYR B 360 -15.00 6.77 20.74
N SER B 361 -15.05 8.11 20.90
CA SER B 361 -14.44 8.80 22.04
C SER B 361 -15.06 8.39 23.38
N CYS B 362 -16.35 7.92 23.37
CA CYS B 362 -17.03 7.41 24.56
C CYS B 362 -16.28 6.21 25.10
N LEU B 363 -15.82 5.31 24.20
CA LEU B 363 -15.07 4.10 24.55
C LEU B 363 -13.70 4.47 25.09
N VAL B 364 -13.10 5.56 24.59
CA VAL B 364 -11.78 6.07 24.99
C VAL B 364 -11.85 6.70 26.40
N PHE B 365 -12.90 7.51 26.67
CA PHE B 365 -13.06 8.25 27.90
C PHE B 365 -13.85 7.52 29.00
N ASN B 366 -14.94 6.75 28.67
CA ASN B 366 -15.73 5.97 29.66
C ASN B 366 -15.26 4.52 29.77
N GLY B 367 -14.65 3.99 28.70
CA GLY B 367 -14.06 2.67 28.70
C GLY B 367 -15.00 1.51 28.42
N MET B 368 -14.90 0.46 29.25
CA MET B 368 -15.67 -0.79 29.14
C MET B 368 -17.16 -0.61 29.45
N LYS B 369 -17.51 0.28 30.41
CA LYS B 369 -18.90 0.51 30.81
C LYS B 369 -19.79 1.07 29.68
N SER B 370 -19.21 1.94 28.82
CA SER B 370 -19.79 2.64 27.64
C SER B 370 -21.14 2.11 27.14
N ALA B 371 -21.20 0.89 26.54
CA ALA B 371 -22.44 0.33 25.99
C ALA B 371 -23.50 0.12 27.04
N VAL B 372 -23.20 -0.72 28.05
CA VAL B 372 -24.07 -1.03 29.19
C VAL B 372 -24.74 0.23 29.77
N GLN B 373 -23.93 1.26 30.06
CA GLN B 373 -24.33 2.57 30.58
C GLN B 373 -25.19 3.35 29.56
N ILE B 374 -24.68 3.59 28.33
CA ILE B 374 -25.39 4.38 27.30
C ILE B 374 -26.77 3.76 26.99
N LYS B 375 -26.86 2.43 27.03
CA LYS B 375 -28.10 1.70 26.77
C LYS B 375 -29.12 1.94 27.88
N ARG B 376 -28.66 2.02 29.15
CA ARG B 376 -29.50 2.27 30.34
C ARG B 376 -30.13 3.65 30.26
N GLU B 377 -29.26 4.68 30.03
CA GLU B 377 -29.62 6.11 29.97
C GLU B 377 -30.70 6.38 28.92
N LEU B 378 -30.55 5.80 27.71
CA LEU B 378 -31.49 5.97 26.60
C LEU B 378 -32.86 5.40 26.91
N ASN B 379 -32.95 4.19 27.50
CA ASN B 379 -34.25 3.60 27.87
C ASN B 379 -34.94 4.42 28.97
N HIS B 380 -34.15 4.88 29.97
CA HIS B 380 -34.60 5.72 31.08
C HIS B 380 -35.17 7.04 30.54
N LEU B 381 -34.56 7.55 29.47
CA LEU B 381 -34.92 8.80 28.80
C LEU B 381 -36.16 8.65 27.91
N LEU B 382 -36.20 7.58 27.09
CA LEU B 382 -37.28 7.26 26.16
C LEU B 382 -38.62 7.31 26.86
N TYR B 383 -38.70 6.70 28.07
CA TYR B 383 -39.91 6.70 28.88
C TYR B 383 -40.16 8.08 29.50
N GLN B 384 -39.09 8.74 30.02
CA GLN B 384 -39.12 10.07 30.64
C GLN B 384 -39.63 11.15 29.64
N ARG B 385 -39.45 10.90 28.32
CA ARG B 385 -39.87 11.80 27.24
C ARG B 385 -41.23 11.42 26.74
N GLY B 386 -41.55 10.13 26.81
CA GLY B 386 -42.85 9.58 26.44
C GLY B 386 -42.94 8.98 25.06
N TYR B 387 -42.05 8.01 24.77
CA TYR B 387 -42.00 7.28 23.50
C TYR B 387 -42.36 5.81 23.67
N TYR B 388 -43.12 5.23 22.71
CA TYR B 388 -43.43 3.79 22.74
C TYR B 388 -42.12 3.07 22.39
N ASN B 389 -41.44 3.53 21.31
CA ASN B 389 -40.20 2.97 20.81
C ASN B 389 -39.24 4.03 20.26
N LEU B 390 -37.96 3.63 20.02
CA LEU B 390 -36.92 4.50 19.44
C LEU B 390 -37.38 5.08 18.09
N LYS B 391 -37.86 4.22 17.15
CA LYS B 391 -38.35 4.57 15.81
C LYS B 391 -39.25 5.82 15.83
N GLU B 392 -40.17 5.90 16.83
CA GLU B 392 -41.13 6.98 17.06
C GLU B 392 -40.45 8.33 17.30
N ALA B 393 -39.19 8.32 17.79
CA ALA B 393 -38.39 9.50 18.09
C ALA B 393 -37.51 9.97 16.94
N ILE B 394 -37.36 9.16 15.89
CA ILE B 394 -36.49 9.49 14.75
C ILE B 394 -37.02 10.70 13.95
N GLY B 395 -36.19 11.74 13.90
CA GLY B 395 -36.49 12.99 13.20
C GLY B 395 -37.57 13.83 13.85
N ARG B 396 -37.80 13.62 15.17
CA ARG B 396 -38.83 14.30 15.96
C ARG B 396 -38.62 15.82 16.05
N LYS B 397 -37.36 16.32 15.96
CA LYS B 397 -37.03 17.74 15.99
C LYS B 397 -37.70 18.54 14.82
N HIS B 398 -37.98 17.85 13.70
CA HIS B 398 -38.59 18.39 12.49
C HIS B 398 -40.13 18.30 12.50
N SER B 399 -40.78 19.38 12.99
CA SER B 399 -42.24 19.59 13.08
C SER B 399 -43.00 18.45 13.75
N1 FMN C . 22.06 -8.65 -9.88
C2 FMN C . 21.99 -7.84 -8.77
O2 FMN C . 20.91 -7.54 -8.25
N3 FMN C . 23.17 -7.34 -8.22
C4 FMN C . 24.45 -7.59 -8.69
O4 FMN C . 25.40 -7.03 -8.15
C4A FMN C . 24.51 -8.48 -9.84
N5 FMN C . 25.68 -8.77 -10.35
C5A FMN C . 25.72 -9.49 -11.55
C6 FMN C . 26.95 -9.76 -12.13
C7 FMN C . 27.05 -10.40 -13.36
C7M FMN C . 28.41 -10.65 -13.94
C8 FMN C . 25.87 -10.79 -14.03
C8M FMN C . 25.94 -11.45 -15.38
C9 FMN C . 24.64 -10.54 -13.45
C9A FMN C . 24.54 -9.91 -12.21
N10 FMN C . 23.29 -9.63 -11.58
C10 FMN C . 23.24 -8.94 -10.39
C1' FMN C . 22.03 -10.12 -12.15
C2' FMN C . 21.43 -9.12 -13.14
O2' FMN C . 21.08 -7.91 -12.46
C3' FMN C . 20.23 -9.69 -13.89
O3' FMN C . 19.10 -9.76 -13.02
C4' FMN C . 20.46 -11.04 -14.57
O4' FMN C . 21.71 -11.01 -15.27
C5' FMN C . 19.34 -11.45 -15.50
O5' FMN C . 19.24 -10.49 -16.57
P FMN C . 19.69 -10.89 -18.07
O1P FMN C . 21.15 -10.81 -18.19
O2P FMN C . 19.01 -9.90 -18.98
O3P FMN C . 19.19 -12.29 -18.35
N1 ORO D . 25.65 -12.26 -8.93
C2 ORO D . 24.40 -12.59 -9.39
O2 ORO D . 24.21 -13.45 -10.23
N3 ORO D . 23.35 -11.96 -8.76
C4 ORO D . 23.45 -11.06 -7.71
O4 ORO D . 22.42 -10.61 -7.20
C5 ORO D . 24.79 -10.77 -7.29
C6 ORO D . 25.84 -11.38 -7.88
C7 ORO D . 27.21 -11.32 -7.33
O71 ORO D . 27.70 -12.32 -6.82
O72 ORO D . 27.83 -10.17 -7.39
CL ID6 E . 34.93 -2.73 -25.96
C14 ID6 E . 33.59 -3.68 -25.38
C13 ID6 E . 33.72 -4.40 -24.21
C12 ID6 E . 32.66 -5.16 -23.78
C15 ID6 E . 32.42 -3.70 -26.12
C16 ID6 E . 31.36 -4.47 -25.66
C11 ID6 E . 31.47 -5.22 -24.50
C10 ID6 E . 30.32 -6.09 -24.05
N ID6 E . 30.54 -6.76 -22.76
C8 ID6 E . 30.18 -6.20 -21.53
C9 ID6 E . 29.56 -4.85 -21.42
C17 ID6 E . 31.07 -8.04 -22.60
C18 ID6 E . 31.52 -8.87 -23.76
C19 ID6 E . 31.05 -8.32 -21.24
C ID6 E . 31.48 -9.61 -20.62
O ID6 E . 32.41 -10.29 -21.09
C7 ID6 E . 30.49 -7.15 -20.56
C4 ID6 E . 30.26 -7.02 -19.08
O1 ID6 E . 30.46 -5.73 -18.68
C5 ID6 E . 29.65 -5.15 -17.62
C6 ID6 E . 30.04 -3.72 -17.51
C3 ID6 E . 30.04 -8.04 -18.21
C2 ID6 E . 30.19 -9.43 -18.40
C1 ID6 E . 30.77 -10.09 -19.45
N1 FMN F . -13.23 7.05 10.87
C2 FMN F . -13.26 6.22 9.79
O2 FMN F . -14.23 6.21 9.01
N3 FMN F . -12.21 5.37 9.54
C4 FMN F . -11.05 5.27 10.30
O4 FMN F . -10.20 4.43 10.02
C4A FMN F . -11.01 6.18 11.45
N5 FMN F . -9.96 6.16 12.23
C5A FMN F . -9.99 6.91 13.40
C6 FMN F . -8.90 6.85 14.27
C7 FMN F . -8.91 7.51 15.50
C7M FMN F . -7.72 7.40 16.41
C8 FMN F . -10.05 8.26 15.87
C8M FMN F . -10.13 8.95 17.21
C9 FMN F . -11.12 8.35 14.98
C9A FMN F . -11.11 7.69 13.75
N10 FMN F . -12.20 7.75 12.83
C10 FMN F . -12.17 7.02 11.68
C1' FMN F . -13.37 8.62 13.08
C2' FMN F . -14.44 7.89 13.88
O2' FMN F . -14.97 6.81 13.13
C3' FMN F . -15.58 8.83 14.31
O3' FMN F . -16.38 9.18 13.19
C4' FMN F . -15.12 10.10 15.04
O4' FMN F . -14.15 9.74 16.03
C5' FMN F . -16.28 10.86 15.65
O5' FMN F . -16.91 10.04 16.67
P FMN F . -16.74 10.40 18.24
O1P FMN F . -15.42 9.91 18.71
O2P FMN F . -17.88 9.71 18.94
O3P FMN F . -16.85 11.91 18.39
N1 ORO G . -8.61 9.40 10.89
C2 ORO G . -9.78 10.10 11.01
O2 ORO G . -9.88 11.04 11.79
N3 ORO G . -10.78 9.77 10.13
C4 ORO G . -10.72 8.81 9.15
O4 ORO G . -11.68 8.66 8.39
C5 ORO G . -9.46 8.13 9.06
C6 ORO G . -8.44 8.44 9.89
C7 ORO G . -7.06 7.95 9.70
O71 ORO G . -6.20 8.72 9.34
O72 ORO G . -6.85 6.67 9.91
CL ID6 H . -6.93 -1.47 29.45
C14 ID6 H . -7.75 -0.16 28.62
C13 ID6 H . -7.28 0.25 27.40
C12 ID6 H . -7.92 1.29 26.75
C15 ID6 H . -8.85 0.43 29.20
C16 ID6 H . -9.47 1.46 28.55
C11 ID6 H . -9.03 1.90 27.31
C10 ID6 H . -9.78 3.00 26.58
N ID6 H . -9.07 3.56 25.43
C8 ID6 H . -9.27 3.12 24.11
C9 ID6 H . -10.14 1.94 23.80
C17 ID6 H . -8.19 4.66 25.45
C18 ID6 H . -7.80 5.34 26.72
C19 ID6 H . -7.84 4.93 24.15
C ID6 H . -6.95 6.03 23.74
O ID6 H . -6.06 6.44 24.52
C7 ID6 H . -8.53 3.95 23.29
C4 ID6 H . -8.53 3.90 21.80
O1 ID6 H . -9.26 2.85 21.36
C5 ID6 H . -8.95 2.18 20.11
C6 ID6 H . -9.17 0.72 20.27
C3 ID6 H . -8.03 4.85 20.95
C2 ID6 H . -7.44 6.10 21.23
C1 ID6 H . -7.05 6.62 22.44
#